data_6XZ1
#
_entry.id   6XZ1
#
_cell.length_a   140.552
_cell.length_b   142.171
_cell.length_c   103.512
_cell.angle_alpha   90.000
_cell.angle_beta   129.610
_cell.angle_gamma   90.000
#
_symmetry.space_group_name_H-M   'C 1 2 1'
#
loop_
_entity.id
_entity.type
_entity.pdbx_description
1 polymer 'HECT, UBA and WWE domain containing 1, isoform CRA_a'
2 polymer Polyubiquitin-B
3 non-polymer 'PHOSPHATE ION'
4 non-polymer prop-2-en-1-amine
5 water water
#
loop_
_entity_poly.entity_id
_entity_poly.type
_entity_poly.pdbx_seq_one_letter_code
_entity_poly.pdbx_strand_id
1 'polypeptide(L)'
;GPDFDVKRKYFRQELERLDEGLRKEDMAVHVRRDHVFEDSYRELHRKSPEEMKNRLYIVFEGEEGQDAGGLLREWYMIIS
REMFNPMYALFRTSPGDRVTYTINPSSHCNPNHLSYFKFVGRIVAKAVYDNRLLECYFTRSFYKHILGKSVRYTDMESED
YHFYQGLVYLLENDVSTLGYDLTFSTEVQEFGVCEVRDLKPNGANILVTEENKKEYVHLVCQMRMTGAIRKQLAAFLEGF
YEIIPKRLISIFTEQELELLISGLPTIDIDDLKSNTEYHKYQSNSIQIQWFWRALRSFDQADRAKFLQFVTGTSKVPLQG
FAALEGMNGIQKFQIHRDDRSTDRLPSAHTCFNQLDLPAYESFEKLRHMLLLAIQECSEGFGLA
;
A,B
2 'polypeptide(L)' MQIFVKTLTGKTITLEVEPSDTIENVKAKIQDKEGIPPDQQRLIFAGKQLEDGRTLSDYNIQKESTLHLVLRLRG C,D
#
loop_
_chem_comp.id
_chem_comp.type
_chem_comp.name
_chem_comp.formula
AYE non-polymer prop-2-en-1-amine 'C3 H7 N'
PO4 non-polymer 'PHOSPHATE ION' 'O4 P -3'
#
# COMPACT_ATOMS: atom_id res chain seq x y z
N GLY A 1 -18.56 13.02 12.20
CA GLY A 1 -18.57 13.25 13.64
C GLY A 1 -19.95 13.20 14.25
N PRO A 2 -20.41 14.32 14.82
CA PRO A 2 -21.77 14.34 15.40
C PRO A 2 -22.86 14.11 14.38
N ASP A 3 -22.73 14.65 13.17
CA ASP A 3 -23.72 14.42 12.13
C ASP A 3 -23.74 12.96 11.69
N PHE A 4 -22.59 12.27 11.77
CA PHE A 4 -22.57 10.85 11.49
C PHE A 4 -23.33 10.07 12.56
N ASP A 5 -23.19 10.47 13.83
CA ASP A 5 -23.90 9.79 14.90
C ASP A 5 -25.42 9.95 14.75
N VAL A 6 -25.85 11.13 14.30
CA VAL A 6 -27.27 11.38 14.12
C VAL A 6 -27.86 10.44 13.07
N LYS A 7 -27.13 10.21 11.98
CA LYS A 7 -27.59 9.27 10.96
C LYS A 7 -27.64 7.85 11.50
N ARG A 8 -26.58 7.43 12.19
CA ARG A 8 -26.53 6.06 12.70
C ARG A 8 -27.60 5.82 13.76
N LYS A 9 -27.91 6.83 14.56
CA LYS A 9 -29.00 6.70 15.52
C LYS A 9 -30.31 6.42 14.80
N TYR A 10 -30.60 7.18 13.74
CA TYR A 10 -31.79 6.92 12.93
C TYR A 10 -31.67 5.60 12.19
N PHE A 11 -30.48 5.28 11.69
CA PHE A 11 -30.29 4.07 10.91
C PHE A 11 -30.56 2.82 11.75
N ARG A 12 -29.92 2.72 12.92
CA ARG A 12 -30.12 1.54 13.76
C ARG A 12 -31.54 1.47 14.30
N GLN A 13 -32.16 2.61 14.60
CA GLN A 13 -33.50 2.60 15.15
C GLN A 13 -34.51 2.02 14.15
N GLU A 14 -34.40 2.41 12.88
CA GLU A 14 -35.31 1.88 11.88
C GLU A 14 -35.00 0.43 11.55
N LEU A 15 -33.75 0.02 11.70
CA LEU A 15 -33.41 -1.40 11.52
C LEU A 15 -34.08 -2.26 12.58
N GLU A 16 -34.13 -1.76 13.82
CA GLU A 16 -34.79 -2.50 14.89
C GLU A 16 -36.30 -2.38 14.84
N ARG A 17 -36.83 -1.40 14.12
CA ARG A 17 -38.28 -1.38 13.89
C ARG A 17 -38.70 -2.51 12.97
N LEU A 18 -37.83 -2.93 12.04
CA LEU A 18 -38.21 -3.90 11.02
C LEU A 18 -38.18 -5.35 11.51
N ASP A 19 -37.43 -5.66 12.58
CA ASP A 19 -37.40 -7.01 13.14
C ASP A 19 -38.26 -7.15 14.40
N GLU A 20 -39.09 -6.16 14.72
CA GLU A 20 -40.10 -6.36 15.75
C GLU A 20 -41.03 -7.49 15.33
N GLY A 21 -41.15 -8.50 16.19
CA GLY A 21 -41.88 -9.70 15.85
C GLY A 21 -41.03 -10.83 15.30
N LEU A 22 -39.74 -10.87 15.61
CA LEU A 22 -38.84 -11.92 15.16
C LEU A 22 -38.30 -12.65 16.38
N ARG A 23 -38.62 -13.94 16.49
CA ARG A 23 -38.09 -14.77 17.57
C ARG A 23 -36.68 -15.19 17.18
N LYS A 24 -35.70 -14.38 17.55
CA LYS A 24 -34.32 -14.64 17.17
C LYS A 24 -33.74 -15.80 17.98
N GLU A 25 -32.94 -16.62 17.32
CA GLU A 25 -32.27 -17.74 17.95
C GLU A 25 -30.77 -17.66 17.66
N ASP A 26 -30.01 -18.43 18.42
CA ASP A 26 -28.59 -18.59 18.14
C ASP A 26 -28.38 -19.58 17.00
N MET A 27 -27.63 -19.18 15.99
CA MET A 27 -27.44 -19.97 14.79
C MET A 27 -25.97 -20.33 14.65
N ALA A 28 -25.68 -21.64 14.63
CA ALA A 28 -24.31 -22.12 14.58
C ALA A 28 -23.77 -22.03 13.16
N VAL A 29 -22.47 -21.74 13.06
CA VAL A 29 -21.74 -21.73 11.80
C VAL A 29 -20.49 -22.56 12.01
N HIS A 30 -20.46 -23.76 11.44
CA HIS A 30 -19.33 -24.67 11.53
C HIS A 30 -18.47 -24.51 10.28
N VAL A 31 -17.24 -24.03 10.45
CA VAL A 31 -16.35 -23.79 9.33
C VAL A 31 -14.95 -24.27 9.69
N ARG A 32 -14.20 -24.66 8.65
CA ARG A 32 -12.76 -24.87 8.78
C ARG A 32 -12.04 -23.57 8.44
N ARG A 33 -10.98 -23.27 9.18
CA ARG A 33 -10.29 -21.99 9.01
C ARG A 33 -9.73 -21.85 7.59
N ASP A 34 -9.14 -22.92 7.06
CA ASP A 34 -8.55 -22.87 5.72
C ASP A 34 -9.59 -22.98 4.61
N HIS A 35 -10.86 -23.11 4.95
CA HIS A 35 -11.96 -23.14 3.98
C HIS A 35 -13.10 -22.25 4.45
N VAL A 36 -12.76 -21.13 5.08
CA VAL A 36 -13.77 -20.35 5.78
C VAL A 36 -14.78 -19.73 4.82
N PHE A 37 -14.35 -19.37 3.61
CA PHE A 37 -15.29 -18.79 2.66
C PHE A 37 -16.20 -19.86 2.07
N GLU A 38 -15.64 -20.98 1.63
CA GLU A 38 -16.45 -22.05 1.07
C GLU A 38 -17.35 -22.67 2.12
N ASP A 39 -16.85 -22.86 3.35
CA ASP A 39 -17.65 -23.47 4.40
C ASP A 39 -18.79 -22.56 4.82
N SER A 40 -18.51 -21.27 4.99
CA SER A 40 -19.57 -20.34 5.38
C SER A 40 -20.60 -20.18 4.26
N TYR A 41 -20.16 -20.26 3.01
CA TYR A 41 -21.11 -20.24 1.90
C TYR A 41 -22.06 -21.43 1.97
N ARG A 42 -21.51 -22.63 2.21
CA ARG A 42 -22.35 -23.81 2.32
C ARG A 42 -23.28 -23.74 3.52
N GLU A 43 -22.88 -23.04 4.57
CA GLU A 43 -23.65 -23.01 5.82
C GLU A 43 -24.64 -21.86 5.89
N LEU A 44 -24.57 -20.88 4.99
CA LEU A 44 -25.40 -19.69 5.14
C LEU A 44 -26.07 -19.19 3.86
N HIS A 45 -25.61 -19.58 2.67
CA HIS A 45 -26.14 -18.96 1.46
C HIS A 45 -27.58 -19.39 1.15
N ARG A 46 -28.09 -20.44 1.79
CA ARG A 46 -29.47 -20.86 1.60
C ARG A 46 -30.35 -20.50 2.78
N LYS A 47 -29.84 -19.74 3.74
CA LYS A 47 -30.67 -19.25 4.84
C LYS A 47 -31.60 -18.15 4.33
N SER A 48 -32.79 -18.08 4.92
CA SER A 48 -33.74 -17.03 4.58
C SER A 48 -33.24 -15.70 5.14
N PRO A 49 -33.70 -14.58 4.57
CA PRO A 49 -33.31 -13.28 5.15
C PRO A 49 -33.69 -13.14 6.61
N GLU A 50 -34.84 -13.68 7.02
CA GLU A 50 -35.20 -13.66 8.43
C GLU A 50 -34.23 -14.50 9.25
N GLU A 51 -33.79 -15.64 8.72
CA GLU A 51 -32.83 -16.46 9.42
C GLU A 51 -31.48 -15.77 9.56
N MET A 52 -31.08 -14.98 8.56
CA MET A 52 -29.80 -14.31 8.61
C MET A 52 -29.71 -13.30 9.75
N LYS A 53 -30.85 -12.78 10.21
CA LYS A 53 -30.85 -11.83 11.31
C LYS A 53 -30.76 -12.50 12.68
N ASN A 54 -30.56 -13.83 12.71
CA ASN A 54 -30.30 -14.51 13.97
C ASN A 54 -28.89 -14.17 14.47
N ARG A 55 -28.65 -14.48 15.75
CA ARG A 55 -27.34 -14.27 16.35
C ARG A 55 -26.42 -15.41 15.95
N LEU A 56 -25.43 -15.12 15.11
CA LEU A 56 -24.48 -16.13 14.68
C LEU A 56 -23.43 -16.37 15.76
N TYR A 57 -23.06 -17.64 15.94
CA TYR A 57 -21.89 -18.00 16.74
C TYR A 57 -21.07 -19.01 15.96
N ILE A 58 -19.75 -18.84 16.01
CA ILE A 58 -18.82 -19.53 15.13
C ILE A 58 -18.17 -20.68 15.88
N VAL A 59 -18.03 -21.82 15.21
CA VAL A 59 -17.29 -22.96 15.72
C VAL A 59 -16.20 -23.28 14.69
N PHE A 60 -14.96 -22.98 15.05
CA PHE A 60 -13.84 -23.30 14.17
C PHE A 60 -13.44 -24.76 14.40
N GLU A 61 -13.44 -25.55 13.33
CA GLU A 61 -13.16 -26.97 13.45
C GLU A 61 -11.75 -27.20 13.97
N GLY A 62 -11.63 -28.03 15.01
CA GLY A 62 -10.35 -28.35 15.57
C GLY A 62 -9.73 -27.28 16.44
N GLU A 63 -10.52 -26.34 16.95
CA GLU A 63 -10.02 -25.24 17.76
C GLU A 63 -10.83 -25.14 19.04
N GLU A 64 -10.13 -24.93 20.16
CA GLU A 64 -10.77 -24.90 21.47
C GLU A 64 -11.64 -23.67 21.68
N GLY A 65 -11.47 -22.63 20.86
CA GLY A 65 -12.19 -21.39 21.03
C GLY A 65 -13.69 -21.53 21.09
N GLN A 66 -14.30 -20.96 22.13
CA GLN A 66 -15.74 -20.92 22.29
C GLN A 66 -16.22 -19.51 22.04
N ASP A 67 -17.16 -19.35 21.12
CA ASP A 67 -17.55 -18.03 20.65
C ASP A 67 -18.46 -17.35 21.67
N ALA A 68 -17.88 -16.42 22.44
CA ALA A 68 -18.66 -15.47 23.21
C ALA A 68 -18.57 -14.07 22.62
N GLY A 69 -18.24 -13.96 21.34
CA GLY A 69 -18.12 -12.68 20.66
C GLY A 69 -16.80 -12.52 19.93
N GLY A 70 -15.72 -13.01 20.53
CA GLY A 70 -14.41 -12.84 19.92
C GLY A 70 -14.20 -13.67 18.67
N LEU A 71 -14.81 -14.87 18.62
CA LEU A 71 -14.66 -15.71 17.43
C LEU A 71 -15.46 -15.15 16.25
N LEU A 72 -16.62 -14.55 16.52
CA LEU A 72 -17.40 -13.95 15.45
C LEU A 72 -16.67 -12.75 14.84
N ARG A 73 -15.99 -11.96 15.67
CA ARG A 73 -15.25 -10.82 15.16
C ARG A 73 -14.11 -11.28 14.25
N GLU A 74 -13.40 -12.34 14.65
CA GLU A 74 -12.34 -12.88 13.81
C GLU A 74 -12.91 -13.49 12.53
N TRP A 75 -14.06 -14.17 12.64
CA TRP A 75 -14.69 -14.76 11.47
C TRP A 75 -15.02 -13.69 10.43
N TYR A 76 -15.60 -12.58 10.87
CA TYR A 76 -15.89 -11.48 9.96
C TYR A 76 -14.62 -10.97 9.30
N MET A 77 -13.52 -10.93 10.04
CA MET A 77 -12.28 -10.38 9.50
C MET A 77 -11.67 -11.32 8.45
N ILE A 78 -11.57 -12.61 8.79
CA ILE A 78 -10.89 -13.52 7.87
C ILE A 78 -11.78 -13.88 6.67
N ILE A 79 -13.11 -13.84 6.82
CA ILE A 79 -13.95 -14.09 5.66
C ILE A 79 -13.94 -12.89 4.73
N SER A 80 -13.81 -11.67 5.28
CA SER A 80 -13.76 -10.49 4.42
C SER A 80 -12.45 -10.44 3.65
N ARG A 81 -11.37 -11.01 4.19
CA ARG A 81 -10.11 -11.06 3.48
C ARG A 81 -10.10 -12.13 2.40
N GLU A 82 -10.83 -13.22 2.61
CA GLU A 82 -10.85 -14.31 1.64
C GLU A 82 -11.80 -14.06 0.48
N MET A 83 -12.80 -13.20 0.65
CA MET A 83 -13.67 -12.85 -0.47
C MET A 83 -12.91 -12.13 -1.57
N PHE A 84 -11.85 -11.41 -1.21
CA PHE A 84 -11.05 -10.66 -2.19
C PHE A 84 -9.79 -11.39 -2.61
N ASN A 85 -9.59 -12.61 -2.15
CA ASN A 85 -8.51 -13.44 -2.68
C ASN A 85 -8.75 -13.61 -4.18
N PRO A 86 -7.81 -13.17 -5.03
CA PRO A 86 -8.01 -13.33 -6.48
C PRO A 86 -8.18 -14.77 -6.93
N MET A 87 -7.87 -15.75 -6.08
CA MET A 87 -8.07 -17.15 -6.44
C MET A 87 -9.54 -17.49 -6.64
N TYR A 88 -10.46 -16.66 -6.13
CA TYR A 88 -11.88 -16.86 -6.36
C TYR A 88 -12.40 -16.09 -7.56
N ALA A 89 -11.59 -15.21 -8.14
CA ALA A 89 -11.94 -14.42 -9.33
C ALA A 89 -13.21 -13.61 -9.14
N LEU A 90 -13.59 -13.34 -7.90
CA LEU A 90 -14.76 -12.50 -7.63
C LEU A 90 -14.41 -11.02 -7.63
N PHE A 91 -13.22 -10.71 -7.15
CA PHE A 91 -12.81 -9.30 -7.06
C PHE A 91 -11.39 -9.12 -7.52
N ARG A 92 -11.06 -7.90 -7.86
CA ARG A 92 -9.70 -7.57 -8.28
C ARG A 92 -9.24 -6.33 -7.53
N THR A 93 -7.97 -5.99 -7.63
CA THR A 93 -7.46 -4.83 -6.90
C THR A 93 -7.51 -3.57 -7.75
N SER A 94 -8.01 -2.47 -7.20
CA SER A 94 -7.98 -1.24 -8.00
C SER A 94 -6.58 -0.65 -7.91
N PRO A 95 -5.93 -0.31 -9.03
CA PRO A 95 -4.59 0.25 -8.99
C PRO A 95 -4.60 1.65 -8.38
N GLY A 96 -3.82 1.86 -7.33
CA GLY A 96 -3.80 3.17 -6.65
C GLY A 96 -2.91 3.16 -5.41
N ASP A 97 -2.89 4.28 -4.69
CA ASP A 97 -2.09 4.41 -3.45
C ASP A 97 -2.63 3.40 -2.43
N ARG A 98 -3.82 3.68 -1.91
CA ARG A 98 -4.51 2.78 -0.96
C ARG A 98 -5.13 1.67 -1.79
N VAL A 99 -5.14 0.45 -1.30
CA VAL A 99 -5.71 -0.65 -2.12
C VAL A 99 -7.18 -0.84 -1.84
N THR A 100 -8.00 -0.74 -2.87
CA THR A 100 -9.45 -1.00 -2.79
C THR A 100 -9.79 -2.10 -3.78
N TYR A 101 -11.03 -2.56 -3.81
CA TYR A 101 -11.33 -3.68 -4.72
C TYR A 101 -12.46 -3.37 -5.69
N THR A 102 -12.39 -4.02 -6.83
CA THR A 102 -13.37 -3.91 -7.90
C THR A 102 -13.96 -5.28 -8.16
N ILE A 103 -15.20 -5.32 -8.65
CA ILE A 103 -15.76 -6.56 -9.14
C ILE A 103 -14.98 -7.01 -10.37
N ASN A 104 -14.61 -8.29 -10.41
CA ASN A 104 -13.87 -8.82 -11.54
C ASN A 104 -14.79 -9.08 -12.72
N PRO A 105 -14.59 -8.41 -13.86
CA PRO A 105 -15.49 -8.65 -15.00
C PRO A 105 -15.39 -10.05 -15.56
N SER A 106 -14.22 -10.69 -15.41
CA SER A 106 -14.02 -12.08 -15.80
C SER A 106 -14.50 -13.07 -14.74
N SER A 107 -15.52 -12.69 -13.95
CA SER A 107 -15.95 -13.53 -12.83
C SER A 107 -16.67 -14.79 -13.29
N HIS A 108 -17.13 -14.86 -14.54
CA HIS A 108 -17.69 -16.12 -15.02
C HIS A 108 -16.63 -17.21 -15.14
N CYS A 109 -15.36 -16.88 -14.91
CA CYS A 109 -14.34 -17.86 -14.57
C CYS A 109 -14.90 -18.88 -13.58
N ASN A 110 -15.49 -18.40 -12.49
CA ASN A 110 -16.24 -19.24 -11.58
C ASN A 110 -17.66 -19.41 -12.11
N PRO A 111 -18.10 -20.64 -12.41
CA PRO A 111 -19.43 -20.79 -13.02
C PRO A 111 -20.58 -20.38 -12.11
N ASN A 112 -20.42 -20.52 -10.80
CA ASN A 112 -21.45 -20.14 -9.84
C ASN A 112 -21.17 -18.77 -9.22
N HIS A 113 -20.54 -17.86 -9.96
CA HIS A 113 -20.11 -16.59 -9.38
C HIS A 113 -21.30 -15.75 -8.95
N LEU A 114 -22.39 -15.76 -9.71
CA LEU A 114 -23.56 -14.97 -9.33
C LEU A 114 -24.14 -15.45 -8.01
N SER A 115 -24.02 -16.73 -7.70
CA SER A 115 -24.42 -17.22 -6.38
C SER A 115 -23.49 -16.69 -5.30
N TYR A 116 -22.18 -16.64 -5.58
CA TYR A 116 -21.23 -16.16 -4.59
C TYR A 116 -21.33 -14.65 -4.38
N PHE A 117 -21.66 -13.90 -5.44
CA PHE A 117 -21.77 -12.46 -5.30
C PHE A 117 -22.95 -12.07 -4.40
N LYS A 118 -24.07 -12.78 -4.55
CA LYS A 118 -25.20 -12.55 -3.66
C LYS A 118 -24.83 -12.88 -2.21
N PHE A 119 -24.02 -13.91 -2.01
CA PHE A 119 -23.57 -14.27 -0.68
C PHE A 119 -22.63 -13.22 -0.11
N VAL A 120 -21.72 -12.71 -0.94
CA VAL A 120 -20.80 -11.66 -0.49
C VAL A 120 -21.57 -10.42 -0.08
N GLY A 121 -22.58 -10.04 -0.87
CA GLY A 121 -23.44 -8.93 -0.49
C GLY A 121 -24.21 -9.21 0.79
N ARG A 122 -24.61 -10.46 0.99
CA ARG A 122 -25.30 -10.82 2.23
C ARG A 122 -24.38 -10.65 3.43
N ILE A 123 -23.11 -11.07 3.30
CA ILE A 123 -22.17 -10.98 4.40
C ILE A 123 -21.90 -9.53 4.77
N VAL A 124 -21.68 -8.68 3.75
CA VAL A 124 -21.44 -7.26 4.03
C VAL A 124 -22.62 -6.64 4.74
N ALA A 125 -23.84 -6.93 4.26
CA ALA A 125 -25.04 -6.41 4.92
C ALA A 125 -25.20 -7.02 6.31
N LYS A 126 -24.87 -8.30 6.47
CA LYS A 126 -24.96 -8.94 7.77
C LYS A 126 -23.96 -8.32 8.75
N ALA A 127 -22.76 -7.98 8.28
CA ALA A 127 -21.78 -7.34 9.15
C ALA A 127 -22.27 -5.98 9.62
N VAL A 128 -22.95 -5.23 8.74
CA VAL A 128 -23.49 -3.93 9.14
C VAL A 128 -24.67 -4.13 10.08
N TYR A 129 -25.51 -5.14 9.81
CA TYR A 129 -26.64 -5.42 10.68
C TYR A 129 -26.18 -5.83 12.08
N ASP A 130 -25.08 -6.58 12.16
CA ASP A 130 -24.52 -7.02 13.44
C ASP A 130 -23.69 -5.95 14.13
N ASN A 131 -23.47 -4.80 13.49
CA ASN A 131 -22.53 -3.78 13.98
C ASN A 131 -21.14 -4.37 14.13
N ARG A 132 -20.74 -5.22 13.19
CA ARG A 132 -19.41 -5.78 13.13
C ARG A 132 -18.67 -5.24 11.91
N LEU A 133 -17.35 -5.38 11.92
CA LEU A 133 -16.49 -4.68 10.99
C LEU A 133 -15.77 -5.67 10.08
N LEU A 134 -15.53 -5.23 8.84
CA LEU A 134 -14.88 -6.04 7.82
C LEU A 134 -13.58 -5.37 7.39
N GLU A 135 -12.71 -6.17 6.78
CA GLU A 135 -11.52 -5.64 6.11
C GLU A 135 -11.78 -5.48 4.61
N CYS A 136 -12.87 -4.78 4.29
CA CYS A 136 -13.26 -4.49 2.92
C CYS A 136 -13.00 -3.01 2.62
N TYR A 137 -12.56 -2.74 1.40
CA TYR A 137 -12.38 -1.36 0.95
C TYR A 137 -12.75 -1.31 -0.54
N PHE A 138 -13.82 -0.61 -0.85
CA PHE A 138 -14.33 -0.54 -2.22
C PHE A 138 -14.00 0.80 -2.85
N THR A 139 -14.25 0.89 -4.15
CA THR A 139 -14.07 2.13 -4.87
C THR A 139 -15.29 3.03 -4.70
N ARG A 140 -15.12 4.31 -5.02
CA ARG A 140 -16.23 5.24 -4.96
C ARG A 140 -17.37 4.81 -5.87
N SER A 141 -17.05 4.18 -7.00
CA SER A 141 -18.09 3.63 -7.87
C SER A 141 -18.95 2.61 -7.13
N PHE A 142 -18.30 1.67 -6.44
CA PHE A 142 -19.03 0.60 -5.77
C PHE A 142 -19.91 1.14 -4.64
N TYR A 143 -19.39 2.06 -3.84
CA TYR A 143 -20.19 2.65 -2.77
C TYR A 143 -21.41 3.38 -3.33
N LYS A 144 -21.25 4.06 -4.47
CA LYS A 144 -22.36 4.77 -5.09
C LYS A 144 -23.46 3.80 -5.52
N HIS A 145 -23.09 2.61 -5.96
CA HIS A 145 -24.09 1.63 -6.36
C HIS A 145 -24.90 1.16 -5.16
N ILE A 146 -24.25 0.95 -4.02
CA ILE A 146 -24.96 0.56 -2.82
C ILE A 146 -25.88 1.68 -2.34
N LEU A 147 -25.39 2.92 -2.38
CA LEU A 147 -26.18 4.07 -1.95
C LEU A 147 -27.21 4.50 -2.98
N GLY A 148 -27.29 3.83 -4.11
CA GLY A 148 -28.22 4.24 -5.15
C GLY A 148 -27.89 5.56 -5.82
N LYS A 149 -26.65 6.02 -5.72
CA LYS A 149 -26.24 7.25 -6.38
C LYS A 149 -25.83 6.96 -7.81
N SER A 150 -26.00 7.96 -8.68
CA SER A 150 -25.63 7.82 -10.08
C SER A 150 -24.12 7.96 -10.22
N VAL A 151 -23.51 7.04 -10.97
CA VAL A 151 -22.07 7.06 -11.17
C VAL A 151 -21.72 8.03 -12.29
N ARG A 152 -20.81 8.94 -11.99
CA ARG A 152 -20.33 9.92 -12.96
C ARG A 152 -18.94 9.51 -13.45
N TYR A 153 -18.53 10.09 -14.59
CA TYR A 153 -17.22 9.76 -15.13
C TYR A 153 -16.10 10.29 -14.25
N THR A 154 -16.38 11.30 -13.41
CA THR A 154 -15.38 11.76 -12.46
C THR A 154 -15.07 10.72 -11.39
N ASP A 155 -16.00 9.79 -11.14
CA ASP A 155 -15.75 8.70 -10.20
C ASP A 155 -14.69 7.73 -10.71
N MET A 156 -14.30 7.83 -11.99
CA MET A 156 -13.22 7.01 -12.52
C MET A 156 -11.88 7.32 -11.87
N GLU A 157 -11.72 8.53 -11.31
CA GLU A 157 -10.46 8.89 -10.67
C GLU A 157 -10.15 7.97 -9.49
N SER A 158 -11.17 7.50 -8.78
CA SER A 158 -10.96 6.56 -7.69
C SER A 158 -10.83 5.13 -8.18
N GLU A 159 -11.54 4.78 -9.26
CA GLU A 159 -11.48 3.42 -9.78
C GLU A 159 -10.14 3.15 -10.45
N ASP A 160 -9.68 4.07 -11.30
CA ASP A 160 -8.40 3.93 -12.00
C ASP A 160 -7.87 5.34 -12.23
N TYR A 161 -6.91 5.74 -11.40
CA TYR A 161 -6.45 7.14 -11.42
C TYR A 161 -5.74 7.47 -12.74
N HIS A 162 -4.93 6.54 -13.25
CA HIS A 162 -4.14 6.84 -14.44
C HIS A 162 -4.97 6.72 -15.71
N PHE A 163 -5.87 5.73 -15.78
CA PHE A 163 -6.81 5.67 -16.88
C PHE A 163 -7.69 6.92 -16.91
N TYR A 164 -8.13 7.38 -15.74
CA TYR A 164 -8.93 8.61 -15.69
C TYR A 164 -8.12 9.80 -16.15
N GLN A 165 -6.86 9.89 -15.73
CA GLN A 165 -6.03 11.00 -16.16
C GLN A 165 -5.50 10.83 -17.57
N GLY A 166 -5.86 9.74 -18.24
CA GLY A 166 -5.69 9.62 -19.67
C GLY A 166 -6.90 10.17 -20.38
N LEU A 167 -8.05 10.11 -19.69
CA LEU A 167 -9.27 10.66 -20.24
C LEU A 167 -9.30 12.18 -20.16
N VAL A 168 -8.75 12.76 -19.09
CA VAL A 168 -8.69 14.22 -19.03
C VAL A 168 -7.82 14.74 -20.17
N TYR A 169 -6.74 14.02 -20.48
CA TYR A 169 -5.85 14.46 -21.55
C TYR A 169 -6.53 14.38 -22.90
N LEU A 170 -7.30 13.31 -23.14
CA LEU A 170 -8.07 13.19 -24.37
C LEU A 170 -9.08 14.32 -24.49
N LEU A 171 -9.73 14.67 -23.38
CA LEU A 171 -10.66 15.79 -23.41
C LEU A 171 -9.93 17.11 -23.58
N GLU A 172 -8.76 17.25 -22.95
CA GLU A 172 -8.03 18.51 -22.99
C GLU A 172 -7.31 18.75 -24.31
N ASN A 173 -6.90 17.69 -24.99
CA ASN A 173 -6.06 17.78 -26.17
C ASN A 173 -6.83 17.31 -27.41
N ASP A 174 -6.13 17.34 -28.55
CA ASP A 174 -6.69 16.93 -29.83
C ASP A 174 -6.33 15.47 -30.09
N VAL A 175 -7.27 14.74 -30.71
CA VAL A 175 -7.03 13.34 -31.04
C VAL A 175 -5.91 13.21 -32.07
N SER A 176 -5.64 14.26 -32.84
CA SER A 176 -4.52 14.26 -33.77
C SER A 176 -3.17 14.24 -33.06
N THR A 177 -3.14 14.41 -31.74
CA THR A 177 -1.90 14.52 -30.99
C THR A 177 -1.61 13.29 -30.13
N LEU A 178 -2.46 12.26 -30.17
CA LEU A 178 -2.32 11.16 -29.24
C LEU A 178 -1.22 10.18 -29.67
N GLY A 179 -1.16 9.85 -30.96
CA GLY A 179 -0.22 8.85 -31.44
C GLY A 179 -0.76 7.44 -31.46
N TYR A 180 -1.99 7.22 -30.99
CA TYR A 180 -2.63 5.92 -31.05
C TYR A 180 -4.09 6.13 -31.45
N ASP A 181 -4.77 5.03 -31.74
CA ASP A 181 -6.15 5.06 -32.19
C ASP A 181 -7.10 4.57 -31.11
N LEU A 182 -8.32 5.07 -31.15
CA LEU A 182 -9.37 4.66 -30.21
C LEU A 182 -10.67 4.46 -30.97
N THR A 183 -11.39 3.40 -30.63
CA THR A 183 -12.71 3.13 -31.17
C THR A 183 -13.72 3.08 -30.03
N PHE A 184 -14.99 3.00 -30.38
CA PHE A 184 -16.07 2.94 -29.38
C PHE A 184 -16.29 1.50 -28.92
N SER A 185 -15.22 0.95 -28.35
CA SER A 185 -15.24 -0.39 -27.78
C SER A 185 -14.13 -0.47 -26.75
N THR A 186 -14.29 -1.41 -25.81
CA THR A 186 -13.31 -1.61 -24.76
C THR A 186 -12.95 -3.09 -24.67
N GLU A 187 -11.73 -3.34 -24.18
CA GLU A 187 -11.12 -4.67 -24.33
C GLU A 187 -11.74 -5.68 -23.38
N VAL A 188 -11.94 -6.89 -23.89
CA VAL A 188 -12.36 -8.04 -23.09
C VAL A 188 -11.13 -8.90 -22.87
N GLN A 189 -10.49 -8.75 -21.71
CA GLN A 189 -9.29 -9.51 -21.38
C GLN A 189 -9.63 -10.86 -20.77
N GLU A 190 -10.56 -11.58 -21.41
CA GLU A 190 -10.96 -12.92 -20.98
C GLU A 190 -10.11 -14.00 -21.62
N PHE A 191 -8.80 -13.74 -21.76
CA PHE A 191 -7.86 -14.68 -22.39
C PHE A 191 -8.29 -15.00 -23.82
N GLY A 192 -8.62 -13.94 -24.57
CA GLY A 192 -8.89 -14.06 -25.98
C GLY A 192 -8.15 -12.96 -26.73
N VAL A 193 -7.96 -13.19 -28.02
CA VAL A 193 -7.18 -12.29 -28.86
C VAL A 193 -8.10 -11.23 -29.46
N CYS A 194 -7.97 -9.98 -28.98
CA CYS A 194 -8.70 -8.83 -29.49
C CYS A 194 -10.21 -9.07 -29.52
N GLU A 195 -10.72 -9.62 -28.43
CA GLU A 195 -12.15 -9.69 -28.20
C GLU A 195 -12.58 -8.43 -27.47
N VAL A 196 -13.54 -7.70 -28.05
CA VAL A 196 -13.95 -6.40 -27.50
C VAL A 196 -15.45 -6.38 -27.32
N ARG A 197 -15.90 -5.47 -26.45
CA ARG A 197 -17.30 -5.19 -26.25
C ARG A 197 -17.59 -3.77 -26.74
N ASP A 198 -18.72 -3.60 -27.43
CA ASP A 198 -19.05 -2.32 -28.03
C ASP A 198 -19.62 -1.35 -26.98
N LEU A 199 -19.14 -0.12 -27.02
CA LEU A 199 -19.74 0.96 -26.22
C LEU A 199 -20.96 1.56 -26.90
N LYS A 200 -21.23 1.18 -28.14
CA LYS A 200 -22.28 1.76 -28.96
C LYS A 200 -22.63 0.75 -30.04
N PRO A 201 -23.85 0.84 -30.61
CA PRO A 201 -24.17 -0.02 -31.76
C PRO A 201 -23.10 0.08 -32.85
N ASN A 202 -22.46 -1.05 -33.14
CA ASN A 202 -21.35 -1.12 -34.10
C ASN A 202 -20.21 -0.19 -33.70
N GLY A 203 -19.94 -0.10 -32.40
CA GLY A 203 -18.97 0.85 -31.90
C GLY A 203 -17.53 0.51 -32.25
N ALA A 204 -17.24 -0.78 -32.46
CA ALA A 204 -15.88 -1.17 -32.80
C ALA A 204 -15.46 -0.70 -34.17
N ASN A 205 -16.42 -0.33 -35.03
CA ASN A 205 -16.13 0.16 -36.37
C ASN A 205 -16.20 1.67 -36.45
N ILE A 206 -16.24 2.38 -35.33
CA ILE A 206 -16.37 3.83 -35.29
C ILE A 206 -15.17 4.41 -34.59
N LEU A 207 -14.48 5.34 -35.26
CA LEU A 207 -13.29 5.95 -34.70
C LEU A 207 -13.65 7.07 -33.74
N VAL A 208 -12.82 7.24 -32.71
CA VAL A 208 -12.98 8.33 -31.76
C VAL A 208 -12.35 9.58 -32.36
N THR A 209 -13.16 10.61 -32.56
CA THR A 209 -12.71 11.89 -33.09
C THR A 209 -13.03 13.00 -32.08
N GLU A 210 -12.60 14.22 -32.41
CA GLU A 210 -12.92 15.35 -31.55
C GLU A 210 -14.43 15.63 -31.53
N GLU A 211 -15.16 15.20 -32.55
CA GLU A 211 -16.59 15.43 -32.58
C GLU A 211 -17.34 14.52 -31.61
N ASN A 212 -16.78 13.35 -31.28
CA ASN A 212 -17.49 12.38 -30.46
C ASN A 212 -16.68 11.92 -29.24
N LYS A 213 -15.56 12.58 -28.92
CA LYS A 213 -14.72 12.08 -27.84
C LYS A 213 -15.38 12.23 -26.47
N LYS A 214 -16.18 13.28 -26.28
CA LYS A 214 -16.90 13.43 -25.01
C LYS A 214 -17.89 12.30 -24.82
N GLU A 215 -18.55 11.87 -25.89
CA GLU A 215 -19.45 10.73 -25.80
C GLU A 215 -18.68 9.45 -25.49
N TYR A 216 -17.46 9.33 -26.02
CA TYR A 216 -16.64 8.15 -25.73
C TYR A 216 -16.24 8.12 -24.26
N VAL A 217 -15.79 9.25 -23.73
CA VAL A 217 -15.38 9.30 -22.33
C VAL A 217 -16.54 8.92 -21.41
N HIS A 218 -17.74 9.41 -21.73
CA HIS A 218 -18.92 9.07 -20.94
C HIS A 218 -19.25 7.58 -21.07
N LEU A 219 -19.18 7.03 -22.29
CA LEU A 219 -19.60 5.66 -22.51
C LEU A 219 -18.62 4.66 -21.90
N VAL A 220 -17.32 4.96 -21.95
CA VAL A 220 -16.33 3.99 -21.49
C VAL A 220 -16.35 3.88 -19.97
N CYS A 221 -16.70 4.95 -19.27
CA CYS A 221 -16.73 4.92 -17.81
C CYS A 221 -17.99 4.22 -17.29
N GLN A 222 -19.13 4.45 -17.94
CA GLN A 222 -20.32 3.71 -17.59
C GLN A 222 -20.14 2.21 -17.82
N MET A 223 -19.36 1.85 -18.84
CA MET A 223 -19.07 0.43 -19.07
C MET A 223 -18.10 -0.11 -18.02
N ARG A 224 -16.99 0.59 -17.82
CA ARG A 224 -15.92 0.11 -16.92
C ARG A 224 -16.46 0.03 -15.52
N MET A 225 -17.37 0.91 -15.25
CA MET A 225 -17.86 0.96 -13.84
C MET A 225 -19.25 0.38 -13.59
N THR A 226 -20.06 0.12 -14.59
CA THR A 226 -21.37 -0.52 -14.32
C THR A 226 -21.73 -1.53 -15.40
N GLY A 227 -21.58 -1.22 -16.68
CA GLY A 227 -21.97 -2.15 -17.75
C GLY A 227 -21.24 -3.48 -17.74
N ALA A 228 -19.95 -3.46 -17.55
CA ALA A 228 -19.15 -4.68 -17.59
C ALA A 228 -19.41 -5.60 -16.40
N ILE A 229 -20.06 -5.12 -15.35
CA ILE A 229 -20.30 -5.91 -14.16
C ILE A 229 -21.77 -5.82 -13.76
N ARG A 230 -22.65 -5.65 -14.76
CA ARG A 230 -24.05 -5.41 -14.49
C ARG A 230 -24.68 -6.56 -13.71
N LYS A 231 -24.45 -7.80 -14.16
CA LYS A 231 -25.08 -8.95 -13.51
C LYS A 231 -24.51 -9.20 -12.13
N GLN A 232 -23.19 -8.98 -11.95
CA GLN A 232 -22.57 -9.23 -10.66
C GLN A 232 -23.01 -8.18 -9.64
N LEU A 233 -23.19 -6.94 -10.08
CA LEU A 233 -23.69 -5.89 -9.18
C LEU A 233 -25.10 -6.21 -8.71
N ALA A 234 -25.97 -6.61 -9.64
CA ALA A 234 -27.35 -6.93 -9.28
C ALA A 234 -27.40 -8.08 -8.28
N ALA A 235 -26.55 -9.10 -8.47
CA ALA A 235 -26.50 -10.21 -7.52
C ALA A 235 -26.02 -9.74 -6.16
N PHE A 236 -24.97 -8.92 -6.13
CA PHE A 236 -24.46 -8.40 -4.86
C PHE A 236 -25.53 -7.58 -4.14
N LEU A 237 -26.13 -6.61 -4.84
CA LEU A 237 -27.11 -5.74 -4.21
C LEU A 237 -28.36 -6.50 -3.79
N GLU A 238 -28.72 -7.55 -4.54
CA GLU A 238 -29.85 -8.39 -4.14
C GLU A 238 -29.61 -8.99 -2.76
N GLY A 239 -28.44 -9.61 -2.56
CA GLY A 239 -28.14 -10.16 -1.25
C GLY A 239 -27.96 -9.10 -0.19
N PHE A 240 -27.38 -7.96 -0.56
CA PHE A 240 -27.22 -6.87 0.39
C PHE A 240 -28.56 -6.30 0.82
N TYR A 241 -29.42 -5.97 -0.14
CA TYR A 241 -30.70 -5.34 0.19
C TYR A 241 -31.67 -6.29 0.88
N GLU A 242 -31.45 -7.61 0.79
CA GLU A 242 -32.31 -8.54 1.50
C GLU A 242 -32.25 -8.34 3.00
N ILE A 243 -31.16 -7.80 3.51
CA ILE A 243 -30.94 -7.63 4.95
C ILE A 243 -31.00 -6.16 5.36
N ILE A 244 -30.34 -5.29 4.60
CA ILE A 244 -30.38 -3.85 4.84
C ILE A 244 -31.18 -3.21 3.71
N PRO A 245 -32.35 -2.64 3.98
CA PRO A 245 -33.15 -2.05 2.90
C PRO A 245 -32.42 -0.88 2.25
N LYS A 246 -32.65 -0.71 0.94
CA LYS A 246 -31.99 0.34 0.18
C LYS A 246 -32.36 1.72 0.72
N ARG A 247 -33.60 1.90 1.14
CA ARG A 247 -34.05 3.20 1.62
C ARG A 247 -33.29 3.65 2.86
N LEU A 248 -32.77 2.69 3.63
CA LEU A 248 -32.10 3.03 4.89
C LEU A 248 -30.60 3.28 4.70
N ILE A 249 -29.93 2.41 3.94
CA ILE A 249 -28.49 2.56 3.76
C ILE A 249 -28.14 3.79 2.95
N SER A 250 -29.05 4.28 2.10
CA SER A 250 -28.74 5.37 1.19
C SER A 250 -28.73 6.74 1.86
N ILE A 251 -28.98 6.81 3.17
CA ILE A 251 -28.85 8.08 3.86
C ILE A 251 -27.40 8.47 4.06
N PHE A 252 -26.48 7.53 3.88
CA PHE A 252 -25.07 7.76 4.16
C PHE A 252 -24.34 8.24 2.91
N THR A 253 -23.22 8.92 3.13
CA THR A 253 -22.29 9.26 2.07
C THR A 253 -21.34 8.10 1.80
N GLU A 254 -20.55 8.22 0.73
CA GLU A 254 -19.59 7.18 0.40
C GLU A 254 -18.56 7.01 1.51
N GLN A 255 -18.09 8.12 2.09
CA GLN A 255 -17.13 8.02 3.17
C GLN A 255 -17.76 7.46 4.43
N GLU A 256 -19.01 7.83 4.71
CA GLU A 256 -19.71 7.29 5.87
C GLU A 256 -19.99 5.80 5.71
N LEU A 257 -20.38 5.39 4.49
CA LEU A 257 -20.62 3.97 4.24
C LEU A 257 -19.34 3.15 4.43
N GLU A 258 -18.20 3.70 4.02
CA GLU A 258 -16.93 3.01 4.21
C GLU A 258 -16.61 2.85 5.69
N LEU A 259 -16.82 3.91 6.48
CA LEU A 259 -16.58 3.82 7.91
C LEU A 259 -17.57 2.87 8.58
N LEU A 260 -18.80 2.81 8.10
CA LEU A 260 -19.78 1.90 8.67
C LEU A 260 -19.36 0.45 8.51
N ILE A 261 -18.67 0.13 7.43
CA ILE A 261 -18.28 -1.26 7.15
C ILE A 261 -16.89 -1.58 7.71
N SER A 262 -15.96 -0.63 7.67
CA SER A 262 -14.57 -0.90 8.02
C SER A 262 -14.14 -0.31 9.35
N GLY A 263 -14.97 0.51 9.99
CA GLY A 263 -14.58 1.12 11.24
C GLY A 263 -13.63 2.28 11.05
N LEU A 264 -12.98 2.68 12.15
CA LEU A 264 -12.09 3.82 12.12
C LEU A 264 -10.85 3.52 11.28
N PRO A 265 -10.30 4.51 10.56
CA PRO A 265 -9.20 4.24 9.64
C PRO A 265 -7.83 4.11 10.30
N THR A 266 -7.71 4.32 11.61
CA THR A 266 -6.41 4.24 12.26
C THR A 266 -6.59 3.74 13.68
N ILE A 267 -5.49 3.27 14.26
CA ILE A 267 -5.47 2.74 15.62
C ILE A 267 -4.71 3.74 16.48
N ASP A 268 -5.43 4.42 17.37
CA ASP A 268 -4.86 5.44 18.24
C ASP A 268 -4.47 4.80 19.57
N ILE A 269 -3.17 4.63 19.81
CA ILE A 269 -2.71 4.02 21.05
C ILE A 269 -3.04 4.90 22.24
N ASP A 270 -3.00 6.23 22.08
CA ASP A 270 -3.33 7.12 23.18
C ASP A 270 -4.80 6.97 23.60
N ASP A 271 -5.69 6.82 22.62
CA ASP A 271 -7.10 6.57 22.94
C ASP A 271 -7.28 5.22 23.61
N LEU A 272 -6.52 4.21 23.17
CA LEU A 272 -6.55 2.91 23.85
C LEU A 272 -6.04 3.01 25.27
N LYS A 273 -5.02 3.85 25.50
CA LYS A 273 -4.39 3.93 26.81
C LYS A 273 -5.33 4.57 27.83
N SER A 274 -6.08 5.59 27.43
CA SER A 274 -7.02 6.25 28.34
C SER A 274 -8.31 5.46 28.53
N ASN A 275 -8.44 4.29 27.89
CA ASN A 275 -9.60 3.43 28.04
C ASN A 275 -9.16 2.00 28.31
N THR A 276 -8.18 1.84 29.21
CA THR A 276 -7.64 0.55 29.58
C THR A 276 -7.89 0.28 31.05
N GLU A 277 -8.18 -0.98 31.39
CA GLU A 277 -8.36 -1.41 32.76
C GLU A 277 -7.28 -2.42 33.12
N TYR A 278 -6.95 -2.46 34.39
CA TYR A 278 -5.85 -3.32 34.88
C TYR A 278 -6.31 -4.15 36.06
N HIS A 279 -5.96 -5.42 36.07
CA HIS A 279 -6.30 -6.32 37.18
C HIS A 279 -5.00 -6.96 37.62
N LYS A 280 -4.60 -6.68 38.86
CA LYS A 280 -3.37 -7.13 39.59
C LYS A 280 -2.19 -6.22 39.30
N TYR A 281 -2.21 -5.54 38.18
CA TYR A 281 -1.23 -4.52 37.83
C TYR A 281 -1.92 -3.19 38.11
N GLN A 282 -1.10 -2.16 38.16
CA GLN A 282 -1.59 -0.78 38.29
C GLN A 282 -1.12 -0.02 37.07
N SER A 283 -1.78 1.05 36.74
CA SER A 283 -1.44 1.89 35.59
C SER A 283 0.04 2.27 35.59
N ASN A 284 0.68 2.29 36.75
CA ASN A 284 2.08 2.69 36.82
C ASN A 284 3.02 1.53 37.12
N SER A 285 2.51 0.30 37.13
CA SER A 285 3.39 -0.86 37.29
C SER A 285 4.38 -0.93 36.13
N ILE A 286 5.55 -1.51 36.40
CA ILE A 286 6.66 -1.39 35.47
C ILE A 286 6.36 -2.12 34.16
N GLN A 287 5.69 -3.27 34.23
CA GLN A 287 5.36 -4.00 33.01
C GLN A 287 4.32 -3.25 32.17
N ILE A 288 3.45 -2.47 32.82
CA ILE A 288 2.50 -1.66 32.08
C ILE A 288 3.22 -0.51 31.37
N GLN A 289 4.18 0.12 32.06
CA GLN A 289 4.98 1.15 31.42
C GLN A 289 5.76 0.59 30.23
N TRP A 290 6.33 -0.61 30.39
CA TRP A 290 7.03 -1.25 29.28
C TRP A 290 6.07 -1.64 28.17
N PHE A 291 4.85 -2.04 28.51
CA PHE A 291 3.88 -2.46 27.49
C PHE A 291 3.54 -1.31 26.55
N TRP A 292 3.13 -0.17 27.10
CA TRP A 292 2.76 0.96 26.26
C TRP A 292 3.96 1.46 25.46
N ARG A 293 5.15 1.46 26.06
CA ARG A 293 6.36 1.80 25.32
C ARG A 293 6.58 0.85 24.14
N ALA A 294 6.33 -0.45 24.35
CA ALA A 294 6.47 -1.41 23.26
C ALA A 294 5.40 -1.22 22.21
N LEU A 295 4.15 -1.00 22.64
CA LEU A 295 3.05 -0.80 21.69
C LEU A 295 3.28 0.43 20.83
N ARG A 296 3.80 1.51 21.43
CA ARG A 296 4.07 2.72 20.65
C ARG A 296 5.21 2.50 19.67
N SER A 297 6.13 1.58 19.98
CA SER A 297 7.25 1.29 19.10
C SER A 297 6.87 0.42 17.91
N PHE A 298 5.60 0.04 17.80
CA PHE A 298 5.13 -0.79 16.69
C PHE A 298 4.67 0.09 15.54
N ASP A 299 4.93 -0.36 14.31
CA ASP A 299 4.40 0.32 13.15
C ASP A 299 2.91 -0.01 13.00
N GLN A 300 2.28 0.65 12.03
CA GLN A 300 0.82 0.51 11.87
C GLN A 300 0.43 -0.93 11.58
N ALA A 301 1.31 -1.71 10.96
CA ALA A 301 0.98 -3.09 10.63
C ALA A 301 1.02 -3.99 11.87
N ASP A 302 1.96 -3.72 12.78
CA ASP A 302 2.09 -4.55 13.96
C ASP A 302 1.05 -4.21 15.03
N ARG A 303 0.67 -2.93 15.15
CA ARG A 303 -0.40 -2.59 16.08
C ARG A 303 -1.74 -3.10 15.60
N ALA A 304 -1.90 -3.34 14.30
CA ALA A 304 -3.09 -4.03 13.81
C ALA A 304 -3.11 -5.48 14.27
N LYS A 305 -1.96 -6.16 14.18
CA LYS A 305 -1.89 -7.55 14.65
C LYS A 305 -2.17 -7.63 16.15
N PHE A 306 -1.74 -6.62 16.91
CA PHE A 306 -2.01 -6.62 18.34
C PHE A 306 -3.50 -6.49 18.61
N LEU A 307 -4.19 -5.61 17.88
CA LEU A 307 -5.63 -5.48 18.06
C LEU A 307 -6.35 -6.79 17.77
N GLN A 308 -5.92 -7.51 16.71
CA GLN A 308 -6.48 -8.82 16.44
C GLN A 308 -6.22 -9.77 17.59
N PHE A 309 -5.04 -9.68 18.21
CA PHE A 309 -4.65 -10.63 19.25
C PHE A 309 -5.61 -10.59 20.42
N VAL A 310 -5.97 -9.39 20.89
CA VAL A 310 -6.74 -9.25 22.12
C VAL A 310 -8.24 -9.06 21.89
N THR A 311 -8.66 -8.60 20.71
CA THR A 311 -10.08 -8.39 20.45
C THR A 311 -10.66 -9.30 19.38
N GLY A 312 -9.83 -9.82 18.48
CA GLY A 312 -10.29 -10.68 17.41
C GLY A 312 -10.34 -10.02 16.04
N THR A 313 -10.26 -8.70 15.98
CA THR A 313 -10.32 -7.99 14.71
C THR A 313 -9.33 -6.84 14.72
N SER A 314 -8.81 -6.53 13.52
CA SER A 314 -7.88 -5.43 13.34
C SER A 314 -8.57 -4.08 13.24
N LYS A 315 -9.90 -4.05 13.32
CA LYS A 315 -10.66 -2.83 13.09
C LYS A 315 -11.11 -2.22 14.41
N VAL A 316 -11.22 -0.90 14.42
CA VAL A 316 -11.61 -0.13 15.60
C VAL A 316 -13.06 0.30 15.45
N PRO A 317 -13.91 0.10 16.46
CA PRO A 317 -15.29 0.57 16.37
C PRO A 317 -15.35 2.08 16.23
N LEU A 318 -16.48 2.55 15.68
CA LEU A 318 -16.58 3.95 15.28
C LEU A 318 -16.51 4.90 16.47
N GLN A 319 -17.04 4.50 17.63
CA GLN A 319 -17.02 5.36 18.80
C GLN A 319 -15.70 5.29 19.57
N GLY A 320 -14.68 4.66 19.00
CA GLY A 320 -13.39 4.59 19.64
C GLY A 320 -13.26 3.42 20.61
N PHE A 321 -12.15 3.42 21.33
CA PHE A 321 -11.87 2.34 22.27
C PHE A 321 -12.70 2.43 23.54
N ALA A 322 -13.37 3.55 23.78
CA ALA A 322 -14.29 3.64 24.90
C ALA A 322 -15.57 2.84 24.69
N ALA A 323 -15.80 2.35 23.47
CA ALA A 323 -16.98 1.56 23.15
C ALA A 323 -16.63 0.15 22.71
N LEU A 324 -15.45 -0.35 23.10
CA LEU A 324 -15.07 -1.71 22.77
C LEU A 324 -16.08 -2.69 23.36
N GLU A 325 -16.64 -3.54 22.50
CA GLU A 325 -17.74 -4.41 22.89
C GLU A 325 -17.23 -5.76 23.36
N GLY A 326 -17.85 -6.29 24.41
CA GLY A 326 -17.57 -7.61 24.91
C GLY A 326 -18.77 -8.53 24.80
N MET A 327 -18.95 -9.42 25.77
CA MET A 327 -20.09 -10.33 25.77
C MET A 327 -21.39 -9.56 25.98
N ASN A 328 -21.67 -9.20 27.22
CA ASN A 328 -22.86 -8.44 27.57
C ASN A 328 -22.45 -6.98 27.76
N GLY A 329 -22.69 -6.16 26.73
CA GLY A 329 -22.42 -4.74 26.80
C GLY A 329 -21.00 -4.34 26.48
N ILE A 330 -20.53 -3.26 27.09
CA ILE A 330 -19.22 -2.68 26.81
C ILE A 330 -18.19 -3.29 27.77
N GLN A 331 -17.06 -3.71 27.23
CA GLN A 331 -15.93 -4.17 28.04
C GLN A 331 -14.67 -3.55 27.47
N LYS A 332 -14.10 -2.59 28.19
CA LYS A 332 -12.90 -1.91 27.73
C LYS A 332 -11.72 -2.89 27.68
N PHE A 333 -10.67 -2.49 26.97
CA PHE A 333 -9.44 -3.26 26.94
C PHE A 333 -8.88 -3.41 28.35
N GLN A 334 -8.56 -4.63 28.73
CA GLN A 334 -8.09 -4.92 30.08
C GLN A 334 -6.83 -5.79 30.03
N ILE A 335 -5.92 -5.53 30.96
CA ILE A 335 -4.66 -6.26 31.06
C ILE A 335 -4.61 -6.90 32.45
N HIS A 336 -4.51 -8.22 32.49
CA HIS A 336 -4.35 -8.98 33.72
C HIS A 336 -2.92 -9.51 33.79
N ARG A 337 -2.34 -9.52 34.98
CA ARG A 337 -1.01 -10.07 35.14
C ARG A 337 -1.08 -11.59 35.20
N ASP A 338 -0.23 -12.25 34.41
CA ASP A 338 -0.12 -13.70 34.39
C ASP A 338 0.94 -14.13 35.40
N ASP A 339 0.50 -14.72 36.52
CA ASP A 339 1.40 -15.12 37.58
C ASP A 339 1.95 -16.53 37.42
N ARG A 340 1.50 -17.27 36.40
CA ARG A 340 1.87 -18.67 36.29
C ARG A 340 3.38 -18.83 36.07
N SER A 341 3.94 -18.08 35.13
CA SER A 341 5.37 -18.13 34.88
C SER A 341 5.74 -16.97 33.97
N THR A 342 7.00 -16.52 34.10
CA THR A 342 7.50 -15.41 33.31
C THR A 342 8.19 -15.87 32.02
N ASP A 343 8.23 -17.17 31.75
CA ASP A 343 8.72 -17.68 30.48
C ASP A 343 7.60 -17.95 29.48
N ARG A 344 6.35 -17.78 29.91
CA ARG A 344 5.22 -17.94 29.01
C ARG A 344 5.06 -16.73 28.11
N LEU A 345 4.57 -16.98 26.90
CA LEU A 345 4.16 -15.89 26.02
C LEU A 345 2.87 -15.28 26.56
N PRO A 346 2.59 -14.02 26.20
CA PRO A 346 1.31 -13.43 26.61
C PRO A 346 0.15 -14.14 25.93
N SER A 347 -1.00 -14.14 26.62
CA SER A 347 -2.20 -14.78 26.12
C SER A 347 -3.34 -13.78 26.13
N ALA A 348 -4.43 -14.13 25.45
CA ALA A 348 -5.55 -13.22 25.28
C ALA A 348 -6.85 -13.99 25.28
N HIS A 349 -7.91 -13.32 25.75
CA HIS A 349 -9.28 -13.81 25.67
C HIS A 349 -10.06 -12.77 24.87
N THR A 350 -10.21 -13.02 23.57
CA THR A 350 -10.73 -12.00 22.66
C THR A 350 -12.18 -11.61 22.98
N CYS A 351 -12.91 -12.45 23.72
CA CYS A 351 -14.29 -12.13 24.05
C CYS A 351 -14.37 -11.05 25.13
N PHE A 352 -13.35 -10.96 26.00
CA PHE A 352 -13.30 -9.94 27.03
C PHE A 352 -12.34 -8.81 26.69
N ASN A 353 -11.70 -8.85 25.52
CA ASN A 353 -10.65 -7.89 25.15
C ASN A 353 -9.56 -7.86 26.22
N GLN A 354 -9.24 -9.03 26.75
CA GLN A 354 -8.34 -9.17 27.88
C GLN A 354 -6.99 -9.71 27.43
N LEU A 355 -5.92 -9.10 27.94
CA LEU A 355 -4.56 -9.55 27.66
C LEU A 355 -3.93 -10.03 28.96
N ASP A 356 -3.54 -11.30 29.00
CA ASP A 356 -2.84 -11.87 30.14
C ASP A 356 -1.35 -11.65 29.94
N LEU A 357 -0.76 -10.76 30.74
CA LEU A 357 0.62 -10.33 30.54
C LEU A 357 1.47 -10.80 31.70
N PRO A 358 2.45 -11.68 31.48
CA PRO A 358 3.34 -12.09 32.57
C PRO A 358 4.20 -10.93 33.05
N ALA A 359 4.65 -11.05 34.29
CA ALA A 359 5.48 -10.02 34.93
C ALA A 359 6.92 -10.18 34.45
N TYR A 360 7.16 -9.75 33.22
CA TYR A 360 8.47 -9.91 32.60
C TYR A 360 9.53 -9.10 33.34
N GLU A 361 10.78 -9.53 33.18
CA GLU A 361 11.89 -9.02 33.97
C GLU A 361 12.71 -7.96 33.25
N SER A 362 12.35 -7.62 32.02
CA SER A 362 13.06 -6.57 31.29
C SER A 362 12.18 -6.08 30.15
N PHE A 363 12.40 -4.82 29.76
CA PHE A 363 11.66 -4.26 28.64
C PHE A 363 11.95 -5.02 27.35
N GLU A 364 13.21 -5.44 27.16
CA GLU A 364 13.57 -6.17 25.96
C GLU A 364 12.81 -7.49 25.87
N LYS A 365 12.71 -8.20 26.99
CA LYS A 365 11.97 -9.46 26.99
C LYS A 365 10.49 -9.23 26.72
N LEU A 366 9.89 -8.22 27.36
CA LEU A 366 8.47 -7.95 27.17
C LEU A 366 8.19 -7.60 25.71
N ARG A 367 8.99 -6.71 25.13
CA ARG A 367 8.78 -6.34 23.73
C ARG A 367 8.95 -7.55 22.81
N HIS A 368 9.97 -8.37 23.06
CA HIS A 368 10.18 -9.56 22.24
C HIS A 368 9.03 -10.54 22.40
N MET A 369 8.61 -10.80 23.63
CA MET A 369 7.53 -11.75 23.87
C MET A 369 6.22 -11.26 23.28
N LEU A 370 5.96 -9.95 23.37
CA LEU A 370 4.72 -9.41 22.83
C LEU A 370 4.70 -9.47 21.31
N LEU A 371 5.81 -9.10 20.67
CA LEU A 371 5.84 -9.10 19.21
C LEU A 371 5.79 -10.52 18.66
N LEU A 372 6.45 -11.47 19.33
CA LEU A 372 6.40 -12.86 18.89
C LEU A 372 4.98 -13.41 18.95
N ALA A 373 4.25 -13.11 20.03
CA ALA A 373 2.90 -13.63 20.19
C ALA A 373 1.95 -13.07 19.14
N ILE A 374 1.96 -11.74 18.94
CA ILE A 374 1.02 -11.14 18.01
C ILE A 374 1.36 -11.45 16.56
N GLN A 375 2.62 -11.73 16.25
CA GLN A 375 2.99 -12.05 14.88
C GLN A 375 2.78 -13.52 14.55
N GLU A 376 3.08 -14.43 15.48
CA GLU A 376 2.95 -15.85 15.23
C GLU A 376 1.62 -16.42 15.73
N CYS A 377 0.75 -15.58 16.29
CA CYS A 377 -0.58 -16.01 16.68
C CYS A 377 -1.57 -14.85 16.55
N SER A 378 -1.52 -14.16 15.41
CA SER A 378 -2.50 -13.10 15.17
C SER A 378 -3.90 -13.68 15.00
N GLU A 379 -4.01 -14.91 14.51
CA GLU A 379 -5.29 -15.58 14.35
C GLU A 379 -5.17 -17.01 14.89
N GLY A 380 -6.33 -17.61 15.16
CA GLY A 380 -6.36 -18.97 15.69
C GLY A 380 -6.63 -19.00 17.18
N PHE A 381 -7.51 -19.90 17.61
CA PHE A 381 -7.92 -20.00 19.02
C PHE A 381 -7.51 -21.37 19.55
N GLY A 382 -6.44 -21.41 20.34
CA GLY A 382 -5.97 -22.64 20.93
C GLY A 382 -6.45 -22.83 22.36
N LEU A 383 -7.08 -21.80 22.92
CA LEU A 383 -7.65 -21.84 24.25
C LEU A 383 -9.17 -21.75 24.14
N ALA A 384 -9.83 -22.15 25.23
CA ALA A 384 -11.29 -22.03 25.29
C ALA A 384 -11.71 -20.57 25.33
N MET B 1 18.89 -36.47 11.41
CA MET B 1 17.77 -36.16 10.54
C MET B 1 17.27 -34.74 10.78
N GLN B 2 16.97 -34.02 9.69
CA GLN B 2 16.56 -32.63 9.75
C GLN B 2 15.09 -32.50 9.37
N ILE B 3 14.31 -31.85 10.24
CA ILE B 3 12.93 -31.52 9.95
C ILE B 3 12.77 -30.01 10.01
N PHE B 4 11.65 -29.52 9.45
CA PHE B 4 11.35 -28.10 9.36
C PHE B 4 10.05 -27.81 10.08
N VAL B 5 10.06 -26.82 10.95
CA VAL B 5 8.85 -26.36 11.64
C VAL B 5 8.49 -24.99 11.10
N LYS B 6 7.32 -24.88 10.47
CA LYS B 6 6.88 -23.65 9.84
C LYS B 6 5.90 -22.91 10.74
N THR B 7 6.15 -21.63 10.95
CA THR B 7 5.31 -20.80 11.81
C THR B 7 4.18 -20.18 11.01
N LEU B 8 3.34 -19.39 11.71
CA LEU B 8 2.19 -18.79 11.05
C LEU B 8 2.61 -17.80 9.97
N THR B 9 3.64 -17.00 10.24
CA THR B 9 4.14 -16.04 9.26
C THR B 9 4.93 -16.68 8.13
N GLY B 10 5.31 -17.94 8.27
CA GLY B 10 6.11 -18.63 7.26
C GLY B 10 7.56 -18.85 7.63
N LYS B 11 7.99 -18.37 8.79
CA LYS B 11 9.37 -18.59 9.20
C LYS B 11 9.63 -20.07 9.41
N THR B 12 10.84 -20.50 9.05
CA THR B 12 11.22 -21.91 9.10
C THR B 12 12.24 -22.14 10.21
N ILE B 13 12.00 -23.17 11.02
CA ILE B 13 12.91 -23.59 12.08
C ILE B 13 13.40 -25.00 11.75
N THR B 14 14.70 -25.14 11.55
CA THR B 14 15.33 -26.41 11.21
C THR B 14 15.80 -27.10 12.49
N LEU B 15 15.41 -28.36 12.67
CA LEU B 15 15.78 -29.12 13.86
C LEU B 15 16.56 -30.36 13.48
N GLU B 16 17.39 -30.84 14.42
CA GLU B 16 18.15 -32.07 14.25
C GLU B 16 17.56 -33.08 15.23
N VAL B 17 16.75 -34.00 14.71
CA VAL B 17 16.04 -34.97 15.53
C VAL B 17 16.22 -36.36 14.91
N GLU B 18 15.81 -37.38 15.66
CA GLU B 18 15.84 -38.76 15.21
C GLU B 18 14.42 -39.33 15.22
N PRO B 19 14.13 -40.31 14.36
CA PRO B 19 12.74 -40.81 14.26
C PRO B 19 12.20 -41.35 15.56
N SER B 20 13.05 -41.72 16.52
CA SER B 20 12.60 -42.19 17.82
C SER B 20 12.26 -41.05 18.78
N ASP B 21 12.56 -39.81 18.41
CA ASP B 21 12.26 -38.68 19.28
C ASP B 21 10.76 -38.51 19.44
N THR B 22 10.34 -38.20 20.66
CA THR B 22 8.93 -37.96 20.93
C THR B 22 8.55 -36.53 20.55
N ILE B 23 7.25 -36.33 20.33
CA ILE B 23 6.74 -34.99 20.02
C ILE B 23 7.06 -34.04 21.16
N GLU B 24 7.03 -34.53 22.41
CA GLU B 24 7.43 -33.72 23.54
C GLU B 24 8.88 -33.29 23.44
N ASN B 25 9.75 -34.17 22.93
CA ASN B 25 11.16 -33.81 22.75
C ASN B 25 11.30 -32.74 21.68
N VAL B 26 10.54 -32.83 20.60
CA VAL B 26 10.62 -31.84 19.53
C VAL B 26 10.14 -30.48 20.03
N LYS B 27 9.10 -30.47 20.86
CA LYS B 27 8.62 -29.22 21.43
C LYS B 27 9.67 -28.61 22.36
N ALA B 28 10.46 -29.45 23.03
CA ALA B 28 11.53 -28.92 23.88
C ALA B 28 12.68 -28.36 23.05
N LYS B 29 12.97 -28.98 21.89
CA LYS B 29 14.00 -28.45 21.02
C LYS B 29 13.58 -27.13 20.37
N ILE B 30 12.26 -26.92 20.22
CA ILE B 30 11.78 -25.62 19.75
C ILE B 30 11.91 -24.57 20.85
N GLN B 31 11.75 -24.97 22.12
CA GLN B 31 11.88 -24.03 23.21
C GLN B 31 13.29 -23.46 23.29
N ASP B 32 14.30 -24.27 22.98
CA ASP B 32 15.68 -23.81 23.00
C ASP B 32 16.04 -22.98 21.77
N LYS B 33 15.26 -23.08 20.71
CA LYS B 33 15.53 -22.32 19.48
C LYS B 33 14.63 -21.11 19.31
N GLU B 34 13.52 -21.04 20.04
CA GLU B 34 12.59 -19.92 19.90
C GLU B 34 12.08 -19.36 21.21
N GLY B 35 12.36 -19.99 22.36
CA GLY B 35 11.95 -19.45 23.64
C GLY B 35 10.49 -19.61 23.97
N ILE B 36 9.81 -20.59 23.39
CA ILE B 36 8.38 -20.81 23.60
C ILE B 36 8.22 -22.04 24.49
N PRO B 37 7.54 -21.95 25.62
CA PRO B 37 7.32 -23.12 26.46
C PRO B 37 6.46 -24.15 25.74
N PRO B 38 6.74 -25.44 25.96
CA PRO B 38 6.02 -26.48 25.19
C PRO B 38 4.52 -26.50 25.42
N ASP B 39 4.06 -26.16 26.62
CA ASP B 39 2.63 -26.19 26.89
C ASP B 39 1.85 -25.11 26.13
N GLN B 40 2.55 -24.20 25.45
CA GLN B 40 1.91 -23.24 24.56
C GLN B 40 2.11 -23.58 23.09
N GLN B 41 2.73 -24.72 22.79
CA GLN B 41 2.98 -25.13 21.42
C GLN B 41 2.00 -26.23 21.00
N ARG B 42 1.59 -26.18 19.74
CA ARG B 42 0.85 -27.26 19.11
C ARG B 42 1.45 -27.51 17.73
N LEU B 43 1.79 -28.77 17.46
CA LEU B 43 2.42 -29.16 16.21
C LEU B 43 1.42 -29.88 15.31
N ILE B 44 1.44 -29.53 14.03
CA ILE B 44 0.51 -30.08 13.05
C ILE B 44 1.32 -30.71 11.92
N PHE B 45 0.92 -31.91 11.51
CA PHE B 45 1.52 -32.59 10.37
C PHE B 45 0.43 -33.32 9.61
N ALA B 46 0.33 -33.05 8.31
CA ALA B 46 -0.67 -33.68 7.45
C ALA B 46 -2.09 -33.47 8.00
N GLY B 47 -2.32 -32.30 8.59
CA GLY B 47 -3.62 -31.96 9.11
C GLY B 47 -4.01 -32.63 10.41
N LYS B 48 -3.06 -33.25 11.11
CA LYS B 48 -3.34 -33.94 12.37
C LYS B 48 -2.50 -33.35 13.48
N GLN B 49 -3.12 -33.14 14.64
CA GLN B 49 -2.41 -32.65 15.81
C GLN B 49 -1.60 -33.77 16.43
N LEU B 50 -0.36 -33.48 16.79
CA LEU B 50 0.58 -34.48 17.28
C LEU B 50 0.50 -34.54 18.80
N GLU B 51 0.17 -35.72 19.32
CA GLU B 51 0.14 -35.94 20.76
C GLU B 51 1.57 -36.06 21.30
N ASP B 52 1.77 -35.58 22.54
CA ASP B 52 3.10 -35.49 23.09
C ASP B 52 3.73 -36.86 23.33
N GLY B 53 2.92 -37.90 23.55
CA GLY B 53 3.47 -39.21 23.85
C GLY B 53 4.03 -39.94 22.66
N ARG B 54 3.51 -39.66 21.46
CA ARG B 54 3.93 -40.39 20.27
C ARG B 54 5.31 -39.93 19.80
N THR B 55 5.94 -40.79 19.01
CA THR B 55 7.22 -40.47 18.38
C THR B 55 6.96 -39.87 16.99
N LEU B 56 8.05 -39.49 16.32
CA LEU B 56 7.92 -39.01 14.95
C LEU B 56 7.59 -40.16 13.99
N SER B 57 8.17 -41.34 14.22
CA SER B 57 7.88 -42.48 13.36
C SER B 57 6.44 -42.93 13.50
N ASP B 58 5.81 -42.68 14.66
CA ASP B 58 4.40 -43.00 14.83
C ASP B 58 3.51 -42.16 13.92
N TYR B 59 4.00 -41.01 13.44
CA TYR B 59 3.26 -40.18 12.51
C TYR B 59 3.85 -40.23 11.10
N ASN B 60 4.79 -41.15 10.85
CA ASN B 60 5.43 -41.30 9.54
C ASN B 60 6.14 -40.01 9.12
N ILE B 61 6.80 -39.37 10.08
CA ILE B 61 7.54 -38.14 9.84
C ILE B 61 8.98 -38.54 9.49
N GLN B 62 9.29 -38.51 8.19
CA GLN B 62 10.59 -38.95 7.71
C GLN B 62 11.51 -37.74 7.57
N LYS B 63 12.62 -37.90 6.84
CA LYS B 63 13.60 -36.83 6.71
C LYS B 63 13.05 -35.71 5.83
N GLU B 64 13.48 -34.48 6.14
CA GLU B 64 13.09 -33.27 5.43
C GLU B 64 11.59 -32.99 5.52
N SER B 65 10.90 -33.64 6.44
CA SER B 65 9.48 -33.38 6.65
C SER B 65 9.28 -31.97 7.21
N THR B 66 8.09 -31.43 6.96
CA THR B 66 7.74 -30.07 7.39
C THR B 66 6.54 -30.13 8.32
N LEU B 67 6.73 -29.67 9.55
CA LEU B 67 5.67 -29.56 10.53
C LEU B 67 5.19 -28.11 10.61
N HIS B 68 4.01 -27.93 11.21
CA HIS B 68 3.41 -26.62 11.37
C HIS B 68 3.25 -26.32 12.84
N LEU B 69 3.73 -25.17 13.28
CA LEU B 69 3.65 -24.74 14.68
C LEU B 69 2.58 -23.69 14.83
N VAL B 70 1.58 -23.98 15.65
CA VAL B 70 0.56 -23.01 16.04
C VAL B 70 0.62 -22.84 17.55
N LEU B 71 0.40 -21.61 18.02
CA LEU B 71 0.53 -21.28 19.43
C LEU B 71 -0.85 -21.26 20.09
N ARG B 72 -0.91 -21.76 21.32
CA ARG B 72 -2.15 -21.81 22.09
C ARG B 72 -2.19 -20.60 23.02
N LEU B 73 -2.46 -19.44 22.44
CA LEU B 73 -2.43 -18.18 23.19
C LEU B 73 -3.77 -17.47 23.29
N ARG B 74 -4.74 -17.79 22.43
CA ARG B 74 -5.97 -17.02 22.34
C ARG B 74 -7.18 -17.92 22.58
N GLY B 75 -8.14 -17.39 23.34
CA GLY B 75 -9.38 -18.09 23.59
C GLY B 75 -10.59 -17.29 23.14
N GLY C 1 22.72 -7.79 4.19
CA GLY C 1 23.58 -8.86 4.66
C GLY C 1 25.05 -8.63 4.36
N PRO C 2 25.93 -9.32 5.09
CA PRO C 2 27.37 -9.16 4.84
C PRO C 2 27.79 -9.57 3.43
N ASP C 3 27.12 -10.57 2.84
CA ASP C 3 27.43 -10.94 1.46
C ASP C 3 27.06 -9.82 0.49
N PHE C 4 26.00 -9.08 0.78
CA PHE C 4 25.68 -7.91 -0.03
C PHE C 4 26.75 -6.85 0.08
N ASP C 5 27.30 -6.65 1.27
CA ASP C 5 28.35 -5.65 1.46
C ASP C 5 29.62 -6.03 0.69
N VAL C 6 29.95 -7.33 0.67
CA VAL C 6 31.14 -7.77 -0.03
C VAL C 6 31.04 -7.49 -1.52
N LYS C 7 29.87 -7.76 -2.11
CA LYS C 7 29.66 -7.45 -3.52
C LYS C 7 29.76 -5.94 -3.77
N ARG C 8 29.17 -5.14 -2.89
CA ARG C 8 29.14 -3.70 -3.10
C ARG C 8 30.54 -3.09 -3.03
N LYS C 9 31.39 -3.59 -2.14
CA LYS C 9 32.74 -3.06 -2.03
C LYS C 9 33.54 -3.37 -3.29
N TYR C 10 33.43 -4.59 -3.81
CA TYR C 10 34.04 -4.91 -5.09
C TYR C 10 33.40 -4.10 -6.21
N PHE C 11 32.09 -3.90 -6.13
CA PHE C 11 31.37 -3.16 -7.17
C PHE C 11 31.84 -1.71 -7.24
N ARG C 12 31.86 -1.03 -6.10
CA ARG C 12 32.26 0.38 -6.09
C ARG C 12 33.73 0.54 -6.43
N GLN C 13 34.57 -0.39 -5.97
CA GLN C 13 36.00 -0.28 -6.23
C GLN C 13 36.30 -0.38 -7.72
N GLU C 14 35.69 -1.34 -8.41
CA GLU C 14 35.92 -1.48 -9.85
C GLU C 14 35.30 -0.33 -10.63
N LEU C 15 34.23 0.27 -10.09
CA LEU C 15 33.66 1.45 -10.74
C LEU C 15 34.62 2.63 -10.67
N GLU C 16 35.26 2.84 -9.52
CA GLU C 16 36.19 3.95 -9.36
C GLU C 16 37.49 3.73 -10.13
N ARG C 17 37.84 2.48 -10.42
CA ARG C 17 39.01 2.23 -11.25
C ARG C 17 38.79 2.72 -12.68
N LEU C 18 37.55 2.63 -13.17
CA LEU C 18 37.24 3.11 -14.52
C LEU C 18 37.28 4.62 -14.62
N ASP C 19 37.15 5.33 -13.49
CA ASP C 19 37.15 6.78 -13.49
C ASP C 19 38.53 7.38 -13.25
N GLU C 20 39.56 6.54 -13.12
CA GLU C 20 40.93 7.05 -12.96
C GLU C 20 41.35 7.77 -14.23
N GLY C 21 41.77 9.03 -14.10
CA GLY C 21 42.10 9.87 -15.22
C GLY C 21 41.03 10.87 -15.61
N LEU C 22 39.84 10.76 -15.03
CA LEU C 22 38.74 11.67 -15.33
C LEU C 22 38.83 12.90 -14.42
N ARG C 23 38.98 14.07 -15.03
CA ARG C 23 38.99 15.34 -14.30
C ARG C 23 37.54 15.79 -14.18
N LYS C 24 36.91 15.44 -13.05
CA LYS C 24 35.50 15.73 -12.85
C LYS C 24 35.28 17.18 -12.47
N GLU C 25 34.14 17.71 -12.89
CA GLU C 25 33.73 19.07 -12.57
C GLU C 25 32.31 19.04 -12.00
N ASP C 26 31.90 20.16 -11.41
CA ASP C 26 30.52 20.32 -10.96
C ASP C 26 29.66 20.73 -12.14
N MET C 27 28.63 19.94 -12.44
CA MET C 27 27.78 20.15 -13.60
C MET C 27 26.40 20.60 -13.15
N ALA C 28 25.91 21.69 -13.71
CA ALA C 28 24.65 22.28 -13.31
C ALA C 28 23.49 21.68 -14.10
N VAL C 29 22.36 21.51 -13.43
CA VAL C 29 21.12 21.03 -14.04
C VAL C 29 20.02 22.00 -13.62
N HIS C 30 19.62 22.87 -14.55
CA HIS C 30 18.55 23.83 -14.29
C HIS C 30 17.23 23.24 -14.77
N VAL C 31 16.29 23.05 -13.84
CA VAL C 31 15.00 22.45 -14.15
C VAL C 31 13.89 23.23 -13.47
N ARG C 32 12.71 23.18 -14.07
CA ARG C 32 11.49 23.61 -13.40
C ARG C 32 10.83 22.40 -12.75
N ARG C 33 10.32 22.60 -11.53
CA ARG C 33 9.78 21.47 -10.76
C ARG C 33 8.62 20.80 -11.50
N ASP C 34 7.75 21.58 -12.12
CA ASP C 34 6.59 21.04 -12.83
C ASP C 34 6.94 20.56 -14.23
N HIS C 35 8.21 20.60 -14.63
CA HIS C 35 8.66 20.07 -15.92
C HIS C 35 9.99 19.34 -15.75
N VAL C 36 10.15 18.66 -14.60
CA VAL C 36 11.46 18.16 -14.22
C VAL C 36 11.96 17.09 -15.21
N PHE C 37 11.05 16.24 -15.70
CA PHE C 37 11.47 15.20 -16.63
C PHE C 37 11.90 15.81 -17.96
N GLU C 38 11.05 16.64 -18.57
CA GLU C 38 11.39 17.25 -19.85
C GLU C 38 12.62 18.16 -19.73
N ASP C 39 12.73 18.91 -18.63
CA ASP C 39 13.84 19.83 -18.47
C ASP C 39 15.15 19.08 -18.26
N SER C 40 15.14 18.04 -17.43
CA SER C 40 16.36 17.28 -17.21
C SER C 40 16.75 16.50 -18.45
N TYR C 41 15.76 16.10 -19.26
CA TYR C 41 16.06 15.41 -20.52
C TYR C 41 16.84 16.33 -21.45
N ARG C 42 16.34 17.55 -21.68
CA ARG C 42 17.06 18.47 -22.55
C ARG C 42 18.39 18.92 -21.98
N GLU C 43 18.57 18.86 -20.65
CA GLU C 43 19.82 19.28 -20.05
C GLU C 43 20.90 18.20 -20.07
N LEU C 44 20.52 16.93 -20.13
CA LEU C 44 21.48 15.85 -19.90
C LEU C 44 21.49 14.76 -20.96
N HIS C 45 20.44 14.61 -21.78
CA HIS C 45 20.41 13.48 -22.69
C HIS C 45 21.45 13.58 -23.80
N ARG C 46 21.97 14.78 -24.07
CA ARG C 46 23.03 14.95 -25.07
C ARG C 46 24.42 14.95 -24.45
N LYS C 47 24.53 14.84 -23.14
CA LYS C 47 25.84 14.80 -22.49
C LYS C 47 26.55 13.48 -22.81
N SER C 48 27.88 13.52 -22.71
CA SER C 48 28.69 12.34 -22.95
C SER C 48 28.67 11.42 -21.73
N PRO C 49 29.01 10.14 -21.89
CA PRO C 49 29.11 9.26 -20.72
C PRO C 49 30.11 9.76 -19.69
N GLU C 50 31.26 10.28 -20.14
CA GLU C 50 32.21 10.86 -19.20
C GLU C 50 31.64 12.09 -18.52
N GLU C 51 30.94 12.94 -19.28
CA GLU C 51 30.31 14.11 -18.68
C GLU C 51 29.28 13.72 -17.64
N MET C 52 28.58 12.60 -17.84
CA MET C 52 27.60 12.16 -16.87
C MET C 52 28.24 11.70 -15.57
N LYS C 53 29.54 11.40 -15.57
CA LYS C 53 30.24 11.04 -14.35
C LYS C 53 30.57 12.25 -13.49
N ASN C 54 30.22 13.46 -13.93
CA ASN C 54 30.48 14.66 -13.14
C ASN C 54 29.52 14.75 -11.96
N ARG C 55 29.91 15.58 -10.98
CA ARG C 55 29.07 15.84 -9.82
C ARG C 55 27.94 16.77 -10.23
N LEU C 56 26.71 16.28 -10.18
CA LEU C 56 25.55 17.10 -10.52
C LEU C 56 25.13 17.96 -9.34
N TYR C 57 24.72 19.18 -9.62
CA TYR C 57 24.04 20.01 -8.64
C TYR C 57 22.85 20.67 -9.32
N ILE C 58 21.73 20.73 -8.58
CA ILE C 58 20.44 21.08 -9.14
C ILE C 58 20.12 22.52 -8.80
N VAL C 59 19.54 23.23 -9.75
CA VAL C 59 18.97 24.56 -9.52
C VAL C 59 17.51 24.47 -9.93
N PHE C 60 16.62 24.56 -8.94
CA PHE C 60 15.19 24.58 -9.22
C PHE C 60 14.76 26.01 -9.50
N GLU C 61 14.26 26.26 -10.71
CA GLU C 61 13.89 27.61 -11.11
C GLU C 61 12.79 28.15 -10.21
N GLY C 62 13.00 29.37 -9.70
CA GLY C 62 12.03 29.99 -8.81
C GLY C 62 12.07 29.53 -7.38
N GLU C 63 13.12 28.83 -6.96
CA GLU C 63 13.23 28.30 -5.61
C GLU C 63 14.57 28.71 -5.01
N GLU C 64 14.54 29.15 -3.76
CA GLU C 64 15.73 29.67 -3.09
C GLU C 64 16.72 28.58 -2.70
N GLY C 65 16.36 27.31 -2.88
CA GLY C 65 17.23 26.24 -2.42
C GLY C 65 18.55 26.23 -3.15
N GLN C 66 19.63 26.07 -2.38
CA GLN C 66 20.98 25.94 -2.92
C GLN C 66 21.44 24.50 -2.69
N ASP C 67 21.81 23.81 -3.76
CA ASP C 67 22.08 22.38 -3.70
C ASP C 67 23.45 22.14 -3.07
N ALA C 68 23.47 21.85 -1.77
CA ALA C 68 24.64 21.30 -1.10
C ALA C 68 24.54 19.79 -0.94
N GLY C 69 23.62 19.15 -1.65
CA GLY C 69 23.42 17.72 -1.55
C GLY C 69 21.96 17.33 -1.42
N GLY C 70 21.18 18.15 -0.70
CA GLY C 70 19.79 17.82 -0.45
C GLY C 70 18.90 18.01 -1.65
N LEU C 71 19.21 18.99 -2.52
CA LEU C 71 18.40 19.19 -3.71
C LEU C 71 18.59 18.08 -4.72
N LEU C 72 19.80 17.52 -4.81
CA LEU C 72 20.03 16.40 -5.70
C LEU C 72 19.26 15.16 -5.26
N ARG C 73 19.09 14.97 -3.94
CA ARG C 73 18.33 13.83 -3.44
C ARG C 73 16.86 13.94 -3.83
N GLU C 74 16.27 15.13 -3.67
CA GLU C 74 14.87 15.31 -4.07
C GLU C 74 14.72 15.22 -5.57
N TRP C 75 15.70 15.74 -6.32
CA TRP C 75 15.63 15.68 -7.77
C TRP C 75 15.57 14.23 -8.26
N TYR C 76 16.41 13.37 -7.69
CA TYR C 76 16.36 11.96 -8.04
C TYR C 76 14.99 11.35 -7.72
N MET C 77 14.37 11.80 -6.63
CA MET C 77 13.09 11.23 -6.23
C MET C 77 11.97 11.69 -7.15
N ILE C 78 11.87 13.00 -7.41
CA ILE C 78 10.76 13.49 -8.21
C ILE C 78 10.93 13.07 -9.68
N ILE C 79 12.16 12.99 -10.18
CA ILE C 79 12.35 12.57 -11.56
C ILE C 79 12.03 11.09 -11.72
N SER C 80 12.21 10.29 -10.68
CA SER C 80 11.84 8.89 -10.76
C SER C 80 10.33 8.70 -10.67
N ARG C 81 9.62 9.62 -10.01
CA ARG C 81 8.17 9.55 -10.02
C ARG C 81 7.60 9.92 -11.39
N GLU C 82 8.28 10.79 -12.13
CA GLU C 82 7.78 11.27 -13.41
C GLU C 82 8.15 10.36 -14.57
N MET C 83 9.38 9.83 -14.59
CA MET C 83 9.78 8.93 -15.66
C MET C 83 8.89 7.70 -15.73
N PHE C 84 8.42 7.21 -14.58
CA PHE C 84 7.60 6.01 -14.52
C PHE C 84 6.11 6.32 -14.38
N ASN C 85 5.74 7.58 -14.47
CA ASN C 85 4.33 7.94 -14.51
C ASN C 85 3.75 7.49 -15.85
N PRO C 86 2.76 6.59 -15.86
CA PRO C 86 2.25 6.08 -17.15
C PRO C 86 1.63 7.14 -18.03
N MET C 87 1.44 8.37 -17.56
CA MET C 87 0.97 9.45 -18.42
C MET C 87 1.95 9.71 -19.55
N TYR C 88 3.24 9.46 -19.33
CA TYR C 88 4.24 9.60 -20.37
C TYR C 88 4.33 8.37 -21.29
N ALA C 89 3.58 7.31 -20.98
CA ALA C 89 3.48 6.11 -21.81
C ALA C 89 4.81 5.41 -21.99
N LEU C 90 5.81 5.72 -21.16
CA LEU C 90 7.07 4.97 -21.22
C LEU C 90 6.98 3.70 -20.41
N PHE C 91 6.38 3.77 -19.22
CA PHE C 91 6.23 2.62 -18.33
C PHE C 91 4.77 2.47 -17.94
N ARG C 92 4.44 1.27 -17.46
CA ARG C 92 3.10 0.97 -16.98
C ARG C 92 3.21 0.23 -15.65
N THR C 93 2.22 0.43 -14.79
CA THR C 93 2.21 -0.23 -13.50
C THR C 93 1.75 -1.67 -13.66
N SER C 94 2.36 -2.56 -12.87
CA SER C 94 1.91 -3.94 -13.04
C SER C 94 0.88 -4.29 -11.99
N PRO C 95 -0.19 -4.97 -12.37
CA PRO C 95 -1.23 -5.34 -11.40
C PRO C 95 -0.69 -6.33 -10.38
N GLY C 96 -0.85 -5.99 -9.10
CA GLY C 96 -0.35 -6.85 -8.05
C GLY C 96 -0.45 -6.17 -6.69
N ASP C 97 0.29 -6.72 -5.73
CA ASP C 97 0.29 -6.20 -4.36
C ASP C 97 0.88 -4.79 -4.31
N ARG C 98 2.20 -4.70 -4.48
CA ARG C 98 2.89 -3.41 -4.48
C ARG C 98 3.03 -2.90 -5.92
N VAL C 99 3.42 -1.64 -6.04
CA VAL C 99 3.50 -0.98 -7.34
C VAL C 99 4.84 -1.31 -7.98
N THR C 100 4.81 -2.04 -9.09
CA THR C 100 5.99 -2.33 -9.88
C THR C 100 5.78 -1.85 -11.31
N TYR C 101 6.87 -1.63 -12.02
CA TYR C 101 6.84 -1.01 -13.34
C TYR C 101 7.45 -1.94 -14.39
N THR C 102 6.83 -1.96 -15.57
CA THR C 102 7.35 -2.61 -16.76
C THR C 102 7.39 -1.58 -17.88
N ILE C 103 8.09 -1.92 -18.96
CA ILE C 103 8.14 -1.06 -20.14
C ILE C 103 6.78 -1.09 -20.83
N ASN C 104 6.25 0.08 -21.15
CA ASN C 104 4.97 0.17 -21.83
C ASN C 104 5.12 -0.26 -23.28
N PRO C 105 4.46 -1.33 -23.71
CA PRO C 105 4.61 -1.77 -25.12
C PRO C 105 4.02 -0.79 -26.11
N SER C 106 3.05 0.02 -25.71
CA SER C 106 2.46 1.04 -26.57
C SER C 106 3.25 2.34 -26.56
N SER C 107 4.54 2.29 -26.22
CA SER C 107 5.33 3.51 -26.11
C SER C 107 5.63 4.13 -27.47
N HIS C 108 5.44 3.39 -28.56
CA HIS C 108 5.73 3.93 -29.89
C HIS C 108 4.77 5.05 -30.28
N CYS C 109 3.72 5.30 -29.51
CA CYS C 109 2.87 6.46 -29.75
C CYS C 109 3.68 7.75 -29.63
N ASN C 110 4.68 7.77 -28.75
CA ASN C 110 5.64 8.87 -28.72
C ASN C 110 6.72 8.61 -29.75
N PRO C 111 6.85 9.45 -30.78
CA PRO C 111 7.81 9.16 -31.85
C PRO C 111 9.26 9.14 -31.40
N ASN C 112 9.59 9.76 -30.27
CA ASN C 112 10.95 9.81 -29.76
C ASN C 112 11.14 8.92 -28.53
N HIS C 113 10.29 7.90 -28.38
CA HIS C 113 10.30 7.10 -27.15
C HIS C 113 11.63 6.40 -26.94
N LEU C 114 12.29 5.96 -28.02
CA LEU C 114 13.57 5.26 -27.87
C LEU C 114 14.64 6.18 -27.29
N SER C 115 14.60 7.46 -27.65
CA SER C 115 15.54 8.42 -27.07
C SER C 115 15.28 8.60 -25.58
N TYR C 116 14.00 8.59 -25.17
CA TYR C 116 13.68 8.76 -23.76
C TYR C 116 14.07 7.53 -22.95
N PHE C 117 13.91 6.33 -23.53
CA PHE C 117 14.27 5.11 -22.81
C PHE C 117 15.77 5.05 -22.54
N LYS C 118 16.58 5.50 -23.50
CA LYS C 118 18.02 5.58 -23.27
C LYS C 118 18.33 6.57 -22.15
N PHE C 119 17.57 7.66 -22.08
CA PHE C 119 17.80 8.65 -21.03
C PHE C 119 17.39 8.12 -19.66
N VAL C 120 16.26 7.41 -19.60
CA VAL C 120 15.80 6.84 -18.33
C VAL C 120 16.82 5.83 -17.81
N GLY C 121 17.31 4.96 -18.69
CA GLY C 121 18.36 4.03 -18.30
C GLY C 121 19.64 4.73 -17.86
N ARG C 122 19.93 5.88 -18.46
CA ARG C 122 21.07 6.67 -18.02
C ARG C 122 20.87 7.18 -16.61
N ILE C 123 19.66 7.69 -16.31
CA ILE C 123 19.39 8.24 -14.98
C ILE C 123 19.44 7.14 -13.92
N VAL C 124 18.89 5.96 -14.23
CA VAL C 124 18.95 4.86 -13.28
C VAL C 124 20.40 4.47 -13.02
N ALA C 125 21.20 4.36 -14.08
CA ALA C 125 22.62 4.06 -13.92
C ALA C 125 23.34 5.20 -13.21
N LYS C 126 22.97 6.44 -13.52
CA LYS C 126 23.60 7.58 -12.86
C LYS C 126 23.27 7.60 -11.37
N ALA C 127 22.04 7.26 -11.01
CA ALA C 127 21.67 7.22 -9.59
C ALA C 127 22.47 6.15 -8.86
N VAL C 128 22.65 4.98 -9.46
CA VAL C 128 23.46 3.93 -8.85
C VAL C 128 24.92 4.36 -8.79
N TYR C 129 25.40 5.05 -9.82
CA TYR C 129 26.77 5.53 -9.82
C TYR C 129 26.98 6.58 -8.73
N ASP C 130 25.97 7.42 -8.49
CA ASP C 130 26.05 8.48 -7.48
C ASP C 130 25.74 7.98 -6.07
N ASN C 131 25.44 6.69 -5.89
CA ASN C 131 24.97 6.16 -4.61
C ASN C 131 23.74 6.91 -4.13
N ARG C 132 22.86 7.26 -5.06
CA ARG C 132 21.60 7.93 -4.77
C ARG C 132 20.44 6.98 -5.07
N LEU C 133 19.28 7.32 -4.52
CA LEU C 133 18.15 6.40 -4.46
C LEU C 133 16.98 6.91 -5.27
N LEU C 134 16.33 6.00 -6.00
CA LEU C 134 15.15 6.29 -6.79
C LEU C 134 13.91 5.68 -6.15
N GLU C 135 12.76 6.28 -6.43
CA GLU C 135 11.48 5.74 -5.99
C GLU C 135 10.83 4.99 -7.16
N CYS C 136 11.40 3.85 -7.48
CA CYS C 136 10.90 3.01 -8.57
C CYS C 136 11.19 1.55 -8.26
N TYR C 137 10.18 0.71 -8.45
CA TYR C 137 10.33 -0.74 -8.29
C TYR C 137 10.00 -1.41 -9.62
N PHE C 138 10.86 -2.31 -10.05
CA PHE C 138 10.69 -3.03 -11.29
C PHE C 138 10.17 -4.44 -11.03
N THR C 139 9.75 -5.10 -12.11
CA THR C 139 9.37 -6.50 -12.00
C THR C 139 10.59 -7.40 -12.11
N ARG C 140 10.41 -8.65 -11.70
CA ARG C 140 11.51 -9.61 -11.73
C ARG C 140 12.08 -9.76 -13.14
N SER C 141 11.21 -9.70 -14.16
CA SER C 141 11.69 -9.81 -15.53
C SER C 141 12.59 -8.63 -15.90
N PHE C 142 12.22 -7.42 -15.47
CA PHE C 142 13.01 -6.24 -15.80
C PHE C 142 14.38 -6.29 -15.13
N TYR C 143 14.43 -6.68 -13.85
CA TYR C 143 15.71 -6.82 -13.17
C TYR C 143 16.61 -7.84 -13.87
N LYS C 144 16.03 -8.96 -14.31
CA LYS C 144 16.81 -9.99 -14.98
C LYS C 144 17.42 -9.46 -16.28
N HIS C 145 16.70 -8.59 -16.98
CA HIS C 145 17.24 -8.03 -18.23
C HIS C 145 18.47 -7.18 -17.96
N ILE C 146 18.44 -6.35 -16.92
CA ILE C 146 19.60 -5.55 -16.55
C ILE C 146 20.76 -6.46 -16.15
N LEU C 147 20.46 -7.51 -15.39
CA LEU C 147 21.48 -8.45 -14.94
C LEU C 147 21.92 -9.43 -16.01
N GLY C 148 21.34 -9.36 -17.21
CA GLY C 148 21.68 -10.31 -18.25
C GLY C 148 21.23 -11.73 -17.99
N LYS C 149 20.28 -11.92 -17.07
CA LYS C 149 19.78 -13.25 -16.77
C LYS C 149 18.69 -13.66 -17.76
N SER C 150 18.58 -14.96 -18.00
CA SER C 150 17.58 -15.48 -18.92
C SER C 150 16.19 -15.44 -18.29
N VAL C 151 15.23 -14.97 -19.07
CA VAL C 151 13.86 -14.82 -18.60
C VAL C 151 13.12 -16.14 -18.79
N ARG C 152 12.45 -16.60 -17.74
CA ARG C 152 11.68 -17.83 -17.77
C ARG C 152 10.20 -17.52 -17.58
N TYR C 153 9.37 -18.50 -17.93
CA TYR C 153 7.92 -18.30 -17.83
C TYR C 153 7.44 -18.16 -16.40
N THR C 154 8.22 -18.64 -15.42
CA THR C 154 7.86 -18.43 -14.02
C THR C 154 7.86 -16.96 -13.65
N ASP C 155 8.71 -16.17 -14.30
CA ASP C 155 8.78 -14.73 -14.03
C ASP C 155 7.52 -13.99 -14.40
N MET C 156 6.62 -14.60 -15.17
CA MET C 156 5.35 -13.95 -15.51
C MET C 156 4.49 -13.72 -14.28
N GLU C 157 4.69 -14.52 -13.22
CA GLU C 157 3.92 -14.33 -11.99
C GLU C 157 4.18 -12.96 -11.38
N SER C 158 5.45 -12.53 -11.36
CA SER C 158 5.78 -11.20 -10.86
C SER C 158 5.27 -10.09 -11.77
N GLU C 159 5.05 -10.38 -13.05
CA GLU C 159 4.66 -9.38 -14.03
C GLU C 159 3.14 -9.23 -14.12
N ASP C 160 2.43 -10.35 -14.25
CA ASP C 160 0.97 -10.33 -14.38
C ASP C 160 0.45 -11.62 -13.74
N TYR C 161 0.08 -11.54 -12.46
CA TYR C 161 -0.35 -12.73 -11.74
C TYR C 161 -1.65 -13.29 -12.33
N HIS C 162 -2.55 -12.41 -12.76
CA HIS C 162 -3.79 -12.89 -13.39
C HIS C 162 -3.49 -13.67 -14.66
N PHE C 163 -2.66 -13.09 -15.54
CA PHE C 163 -2.28 -13.79 -16.76
C PHE C 163 -1.46 -15.04 -16.45
N TYR C 164 -0.68 -15.02 -15.38
CA TYR C 164 0.15 -16.17 -15.05
C TYR C 164 -0.70 -17.35 -14.59
N GLN C 165 -1.71 -17.09 -13.75
CA GLN C 165 -2.56 -18.18 -13.28
C GLN C 165 -3.41 -18.75 -14.40
N GLY C 166 -3.74 -17.94 -15.41
CA GLY C 166 -4.39 -18.49 -16.59
C GLY C 166 -3.50 -19.46 -17.34
N LEU C 167 -2.18 -19.23 -17.31
CA LEU C 167 -1.26 -20.14 -17.98
C LEU C 167 -1.12 -21.44 -17.21
N VAL C 168 -1.00 -21.36 -15.88
CA VAL C 168 -0.83 -22.59 -15.10
C VAL C 168 -2.12 -23.41 -15.11
N TYR C 169 -3.28 -22.75 -15.19
CA TYR C 169 -4.52 -23.48 -15.37
C TYR C 169 -4.59 -24.13 -16.75
N LEU C 170 -4.04 -23.47 -17.77
CA LEU C 170 -3.95 -24.06 -19.09
C LEU C 170 -3.04 -25.28 -19.11
N LEU C 171 -2.00 -25.28 -18.27
CA LEU C 171 -1.04 -26.38 -18.28
C LEU C 171 -1.50 -27.58 -17.47
N GLU C 172 -2.40 -27.39 -16.50
CA GLU C 172 -2.85 -28.48 -15.64
C GLU C 172 -4.25 -28.97 -15.98
N ASN C 173 -4.85 -28.49 -17.07
CA ASN C 173 -6.15 -28.98 -17.51
C ASN C 173 -6.13 -29.33 -19.00
N ASP C 174 -7.27 -29.67 -19.56
CA ASP C 174 -7.38 -29.93 -20.98
C ASP C 174 -7.87 -28.68 -21.70
N VAL C 175 -7.46 -28.53 -22.96
CA VAL C 175 -7.90 -27.39 -23.75
C VAL C 175 -9.39 -27.48 -24.06
N SER C 176 -9.96 -28.69 -24.03
CA SER C 176 -11.42 -28.81 -24.07
C SER C 176 -12.03 -28.41 -22.73
N THR C 177 -11.41 -28.83 -21.63
CA THR C 177 -11.79 -28.37 -20.30
C THR C 177 -11.66 -26.86 -20.16
N LEU C 178 -10.80 -26.24 -20.97
CA LEU C 178 -10.39 -24.85 -20.76
C LEU C 178 -11.56 -23.89 -21.01
N GLY C 179 -12.30 -24.10 -22.10
CA GLY C 179 -13.54 -23.38 -22.31
C GLY C 179 -13.56 -22.43 -23.48
N TYR C 180 -12.44 -21.76 -23.75
CA TYR C 180 -12.33 -20.84 -24.88
C TYR C 180 -11.25 -21.33 -25.83
N ASP C 181 -11.00 -20.56 -26.88
CA ASP C 181 -10.05 -20.91 -27.92
C ASP C 181 -8.82 -20.01 -27.84
N LEU C 182 -7.66 -20.58 -28.11
CA LEU C 182 -6.40 -19.85 -28.10
C LEU C 182 -5.60 -20.17 -29.35
N THR C 183 -4.96 -19.16 -29.92
CA THR C 183 -4.07 -19.32 -31.05
C THR C 183 -2.67 -18.86 -30.68
N PHE C 184 -1.72 -19.13 -31.57
CA PHE C 184 -0.34 -18.74 -31.32
C PHE C 184 -0.13 -17.27 -31.66
N SER C 185 -0.95 -16.41 -31.06
CA SER C 185 -0.82 -14.97 -31.20
C SER C 185 -1.34 -14.34 -29.92
N THR C 186 -0.95 -13.09 -29.69
CA THR C 186 -1.37 -12.38 -28.50
C THR C 186 -1.40 -10.88 -28.78
N GLU C 187 -2.25 -10.17 -28.06
CA GLU C 187 -2.29 -8.72 -28.15
C GLU C 187 -1.26 -8.14 -27.19
N VAL C 188 -0.46 -7.20 -27.68
CA VAL C 188 0.66 -6.66 -26.92
C VAL C 188 0.46 -5.21 -26.51
N GLN C 189 -0.58 -4.54 -27.01
CA GLN C 189 -0.77 -3.13 -26.69
C GLN C 189 -1.19 -2.94 -25.24
N GLU C 190 -0.90 -1.76 -24.71
CA GLU C 190 -1.33 -1.36 -23.37
C GLU C 190 -2.60 -0.51 -23.40
N PHE C 191 -2.71 0.43 -24.34
CA PHE C 191 -3.92 1.18 -24.55
C PHE C 191 -4.16 1.30 -26.05
N GLY C 192 -5.35 1.75 -26.41
CA GLY C 192 -5.71 1.90 -27.81
C GLY C 192 -6.22 0.61 -28.43
N VAL C 193 -6.33 0.64 -29.76
CA VAL C 193 -6.81 -0.53 -30.48
C VAL C 193 -5.81 -1.66 -30.38
N CYS C 194 -6.29 -2.88 -30.61
CA CYS C 194 -5.47 -4.08 -30.45
C CYS C 194 -4.22 -4.01 -31.31
N GLU C 195 -3.13 -4.57 -30.80
CA GLU C 195 -1.89 -4.75 -31.54
C GLU C 195 -1.52 -6.22 -31.40
N VAL C 196 -2.06 -7.06 -32.29
CA VAL C 196 -1.83 -8.49 -32.24
C VAL C 196 -0.48 -8.81 -32.88
N ARG C 197 0.24 -9.77 -32.29
CA ARG C 197 1.52 -10.23 -32.83
C ARG C 197 1.55 -11.75 -32.78
N ASP C 198 2.17 -12.34 -33.79
CA ASP C 198 2.27 -13.79 -33.87
C ASP C 198 3.40 -14.29 -32.99
N LEU C 199 3.13 -15.35 -32.21
CA LEU C 199 4.19 -16.03 -31.47
C LEU C 199 4.99 -16.98 -32.34
N LYS C 200 4.56 -17.20 -33.58
CA LYS C 200 5.17 -18.15 -34.49
C LYS C 200 4.77 -17.76 -35.90
N PRO C 201 5.55 -18.14 -36.91
CA PRO C 201 5.11 -17.92 -38.31
C PRO C 201 3.71 -18.47 -38.55
N ASN C 202 2.81 -17.60 -39.00
CA ASN C 202 1.40 -17.93 -39.18
C ASN C 202 0.79 -18.44 -37.87
N GLY C 203 1.05 -17.70 -36.79
CA GLY C 203 0.58 -18.13 -35.47
C GLY C 203 -0.90 -17.92 -35.25
N ALA C 204 -1.48 -16.90 -35.88
CA ALA C 204 -2.92 -16.66 -35.75
C ALA C 204 -3.75 -17.74 -36.44
N ASN C 205 -3.14 -18.54 -37.32
CA ASN C 205 -3.83 -19.61 -38.02
C ASN C 205 -3.59 -20.97 -37.37
N ILE C 206 -2.98 -21.01 -36.19
CA ILE C 206 -2.66 -22.27 -35.51
C ILE C 206 -3.34 -22.27 -34.15
N LEU C 207 -4.14 -23.29 -33.89
CA LEU C 207 -4.86 -23.40 -32.63
C LEU C 207 -3.96 -24.00 -31.55
N VAL C 208 -4.20 -23.58 -30.32
CA VAL C 208 -3.49 -24.12 -29.17
C VAL C 208 -4.16 -25.42 -28.76
N THR C 209 -3.46 -26.53 -28.92
CA THR C 209 -3.92 -27.84 -28.49
C THR C 209 -3.05 -28.34 -27.34
N GLU C 210 -3.39 -29.53 -26.83
CA GLU C 210 -2.59 -30.13 -25.77
C GLU C 210 -1.23 -30.58 -26.27
N GLU C 211 -1.10 -30.83 -27.57
CA GLU C 211 0.19 -31.24 -28.13
C GLU C 211 1.18 -30.10 -28.24
N ASN C 212 0.73 -28.85 -28.12
CA ASN C 212 1.64 -27.72 -28.28
C ASN C 212 1.40 -26.61 -27.25
N LYS C 213 0.60 -26.85 -26.21
CA LYS C 213 0.31 -25.78 -25.25
C LYS C 213 1.54 -25.37 -24.45
N LYS C 214 2.46 -26.30 -24.21
CA LYS C 214 3.69 -25.93 -23.52
C LYS C 214 4.57 -25.04 -24.38
N GLU C 215 4.55 -25.24 -25.70
CA GLU C 215 5.22 -24.32 -26.61
C GLU C 215 4.54 -22.95 -26.59
N TYR C 216 3.23 -22.91 -26.42
CA TYR C 216 2.51 -21.64 -26.35
C TYR C 216 2.87 -20.87 -25.09
N VAL C 217 2.90 -21.56 -23.94
CA VAL C 217 3.23 -20.89 -22.68
C VAL C 217 4.63 -20.30 -22.74
N HIS C 218 5.58 -21.04 -23.33
CA HIS C 218 6.93 -20.53 -23.47
C HIS C 218 6.97 -19.31 -24.38
N LEU C 219 6.31 -19.38 -25.54
CA LEU C 219 6.48 -18.35 -26.57
C LEU C 219 5.78 -17.06 -26.17
N VAL C 220 4.59 -17.15 -25.55
CA VAL C 220 3.86 -15.93 -25.22
C VAL C 220 4.51 -15.21 -24.04
N CYS C 221 5.15 -15.96 -23.14
CA CYS C 221 5.83 -15.31 -22.02
C CYS C 221 7.09 -14.59 -22.47
N GLN C 222 7.82 -15.16 -23.44
CA GLN C 222 8.96 -14.46 -23.99
C GLN C 222 8.52 -13.24 -24.80
N MET C 223 7.34 -13.31 -25.41
CA MET C 223 6.83 -12.16 -26.16
C MET C 223 6.40 -11.02 -25.24
N ARG C 224 5.69 -11.35 -24.16
CA ARG C 224 5.16 -10.32 -23.28
C ARG C 224 6.23 -9.71 -22.37
N MET C 225 7.31 -10.44 -22.09
CA MET C 225 8.35 -9.94 -21.20
C MET C 225 9.63 -9.52 -21.92
N THR C 226 9.75 -9.82 -23.23
CA THR C 226 10.94 -9.39 -23.95
C THR C 226 10.62 -8.97 -25.39
N GLY C 227 9.87 -9.85 -26.10
CA GLY C 227 9.70 -9.66 -27.53
C GLY C 227 8.95 -8.40 -27.90
N ALA C 228 7.89 -8.08 -27.16
CA ALA C 228 7.08 -6.92 -27.49
C ALA C 228 7.76 -5.61 -27.14
N ILE C 229 8.80 -5.64 -26.29
CA ILE C 229 9.46 -4.43 -25.83
C ILE C 229 10.94 -4.49 -26.17
N ARG C 230 11.27 -5.17 -27.28
CA ARG C 230 12.67 -5.41 -27.60
C ARG C 230 13.43 -4.12 -27.86
N LYS C 231 12.89 -3.26 -28.74
CA LYS C 231 13.60 -2.03 -29.09
C LYS C 231 13.69 -1.09 -27.89
N GLN C 232 12.65 -1.03 -27.06
CA GLN C 232 12.69 -0.16 -25.90
C GLN C 232 13.65 -0.70 -24.83
N LEU C 233 13.71 -2.02 -24.68
CA LEU C 233 14.66 -2.62 -23.74
C LEU C 233 16.09 -2.32 -24.15
N ALA C 234 16.41 -2.51 -25.43
CA ALA C 234 17.76 -2.28 -25.91
C ALA C 234 18.17 -0.82 -25.73
N ALA C 235 17.24 0.11 -25.93
CA ALA C 235 17.54 1.52 -25.72
C ALA C 235 17.80 1.81 -24.25
N PHE C 236 16.95 1.28 -23.37
CA PHE C 236 17.17 1.45 -21.93
C PHE C 236 18.52 0.89 -21.50
N LEU C 237 18.82 -0.35 -21.92
CA LEU C 237 20.08 -0.97 -21.52
C LEU C 237 21.28 -0.26 -22.13
N GLU C 238 21.14 0.28 -23.34
CA GLU C 238 22.24 1.04 -23.94
C GLU C 238 22.59 2.24 -23.08
N GLY C 239 21.58 2.95 -22.57
CA GLY C 239 21.86 4.07 -21.68
C GLY C 239 22.37 3.62 -20.33
N PHE C 240 21.84 2.51 -19.80
CA PHE C 240 22.29 2.02 -18.50
C PHE C 240 23.73 1.54 -18.56
N TYR C 241 24.03 0.60 -19.45
CA TYR C 241 25.38 0.05 -19.56
C TYR C 241 26.41 1.10 -19.95
N GLU C 242 25.96 2.20 -20.57
CA GLU C 242 26.86 3.30 -20.91
C GLU C 242 27.55 3.88 -19.68
N ILE C 243 26.97 3.72 -18.49
CA ILE C 243 27.50 4.29 -17.27
C ILE C 243 27.91 3.22 -16.27
N ILE C 244 27.08 2.20 -16.08
CA ILE C 244 27.40 1.05 -15.25
C ILE C 244 27.65 -0.14 -16.19
N PRO C 245 28.89 -0.60 -16.36
CA PRO C 245 29.16 -1.70 -17.29
C PRO C 245 28.38 -2.95 -16.91
N LYS C 246 27.98 -3.70 -17.94
CA LYS C 246 27.15 -4.88 -17.74
C LYS C 246 27.85 -5.91 -16.87
N ARG C 247 29.16 -6.11 -17.07
CA ARG C 247 29.89 -7.09 -16.29
C ARG C 247 29.93 -6.76 -14.81
N LEU C 248 29.76 -5.49 -14.43
CA LEU C 248 29.82 -5.08 -13.04
C LEU C 248 28.47 -5.25 -12.33
N ILE C 249 27.39 -4.78 -12.96
CA ILE C 249 26.08 -4.91 -12.34
C ILE C 249 25.61 -6.36 -12.33
N SER C 250 26.19 -7.22 -13.17
CA SER C 250 25.73 -8.61 -13.29
C SER C 250 26.05 -9.45 -12.06
N ILE C 251 26.86 -8.94 -11.12
CA ILE C 251 27.20 -9.71 -9.93
C ILE C 251 26.06 -9.78 -8.92
N PHE C 252 25.05 -8.93 -9.07
CA PHE C 252 23.97 -8.85 -8.09
C PHE C 252 22.81 -9.75 -8.48
N THR C 253 22.00 -10.10 -7.49
CA THR C 253 20.73 -10.76 -7.71
C THR C 253 19.64 -9.73 -7.99
N GLU C 254 18.46 -10.22 -8.35
CA GLU C 254 17.34 -9.32 -8.60
C GLU C 254 16.95 -8.56 -7.33
N GLN C 255 17.03 -9.23 -6.17
CA GLN C 255 16.70 -8.57 -4.91
C GLN C 255 17.76 -7.54 -4.54
N GLU C 256 19.05 -7.88 -4.73
CA GLU C 256 20.10 -6.93 -4.41
C GLU C 256 20.07 -5.71 -5.32
N LEU C 257 19.76 -5.92 -6.60
CA LEU C 257 19.69 -4.80 -7.53
C LEU C 257 18.57 -3.84 -7.17
N GLU C 258 17.46 -4.36 -6.65
CA GLU C 258 16.39 -3.48 -6.19
C GLU C 258 16.83 -2.65 -4.98
N LEU C 259 17.54 -3.27 -4.04
CA LEU C 259 18.06 -2.50 -2.90
C LEU C 259 19.09 -1.47 -3.35
N LEU C 260 19.88 -1.79 -4.37
CA LEU C 260 20.86 -0.82 -4.88
C LEU C 260 20.18 0.41 -5.43
N ILE C 261 19.00 0.26 -6.04
CA ILE C 261 18.32 1.37 -6.69
C ILE C 261 17.38 2.09 -5.72
N SER C 262 16.69 1.35 -4.85
CA SER C 262 15.62 1.91 -4.03
C SER C 262 16.00 2.03 -2.55
N GLY C 263 17.19 1.61 -2.15
CA GLY C 263 17.56 1.67 -0.75
C GLY C 263 16.81 0.64 0.10
N LEU C 264 16.85 0.89 1.40
CA LEU C 264 16.21 -0.02 2.34
C LEU C 264 14.70 -0.05 2.12
N PRO C 265 14.05 -1.17 2.44
CA PRO C 265 12.62 -1.30 2.13
C PRO C 265 11.69 -0.70 3.17
N THR C 266 12.19 -0.35 4.35
CA THR C 266 11.34 0.20 5.40
C THR C 266 12.09 1.28 6.17
N ILE C 267 11.34 2.10 6.90
CA ILE C 267 11.89 3.17 7.71
C ILE C 267 11.84 2.72 9.17
N ASP C 268 13.00 2.39 9.74
CA ASP C 268 13.10 1.96 11.12
C ASP C 268 13.23 3.20 12.01
N ILE C 269 12.15 3.54 12.72
CA ILE C 269 12.18 4.70 13.61
C ILE C 269 13.12 4.46 14.77
N ASP C 270 13.24 3.21 15.23
CA ASP C 270 14.15 2.90 16.32
C ASP C 270 15.60 3.12 15.91
N ASP C 271 15.96 2.75 14.68
CA ASP C 271 17.32 2.97 14.20
C ASP C 271 17.59 4.46 13.99
N LEU C 272 16.58 5.22 13.57
CA LEU C 272 16.74 6.66 13.48
C LEU C 272 16.93 7.29 14.84
N LYS C 273 16.14 6.85 15.83
CA LYS C 273 16.26 7.40 17.17
C LYS C 273 17.63 7.12 17.77
N SER C 274 18.20 5.94 17.48
CA SER C 274 19.53 5.61 17.98
C SER C 274 20.62 6.42 17.30
N ASN C 275 20.32 7.06 16.17
CA ASN C 275 21.32 7.85 15.45
C ASN C 275 20.85 9.28 15.25
N THR C 276 20.34 9.90 16.31
CA THR C 276 19.87 11.27 16.27
C THR C 276 20.73 12.14 17.18
N GLU C 277 21.08 13.32 16.69
CA GLU C 277 21.84 14.30 17.45
C GLU C 277 20.95 15.49 17.79
N TYR C 278 21.29 16.18 18.88
CA TYR C 278 20.47 17.26 19.40
C TYR C 278 21.36 18.48 19.70
N HIS C 279 20.95 19.64 19.19
CA HIS C 279 21.63 20.90 19.46
C HIS C 279 20.68 21.81 20.21
N LYS C 280 21.12 22.29 21.39
CA LYS C 280 20.31 23.12 22.29
C LYS C 280 19.10 22.36 22.81
N TYR C 281 18.87 21.16 22.27
CA TYR C 281 17.99 20.18 22.84
C TYR C 281 18.82 19.07 23.47
N GLN C 282 18.16 18.20 24.22
CA GLN C 282 18.74 16.95 24.66
C GLN C 282 17.66 15.90 24.59
N SER C 283 18.07 14.63 24.52
CA SER C 283 17.10 13.56 24.36
C SER C 283 16.08 13.50 25.51
N ASN C 284 16.33 14.19 26.63
CA ASN C 284 15.36 14.25 27.71
C ASN C 284 14.29 15.31 27.46
N SER C 285 14.61 16.32 26.64
CA SER C 285 13.72 17.47 26.47
C SER C 285 12.32 17.02 26.11
N ILE C 286 11.32 17.73 26.66
CA ILE C 286 9.93 17.29 26.54
C ILE C 286 9.47 17.36 25.09
N GLN C 287 9.92 18.38 24.34
CA GLN C 287 9.55 18.47 22.93
C GLN C 287 10.15 17.32 22.13
N ILE C 288 11.34 16.87 22.49
CA ILE C 288 11.93 15.71 21.83
C ILE C 288 11.12 14.46 22.15
N GLN C 289 10.67 14.33 23.40
CA GLN C 289 9.82 13.20 23.76
C GLN C 289 8.50 13.24 23.01
N TRP C 290 7.90 14.43 22.90
CA TRP C 290 6.68 14.58 22.11
C TRP C 290 6.93 14.30 20.63
N PHE C 291 8.12 14.67 20.13
CA PHE C 291 8.41 14.46 18.71
C PHE C 291 8.41 12.98 18.36
N TRP C 292 9.18 12.17 19.08
CA TRP C 292 9.24 10.74 18.78
C TRP C 292 7.88 10.08 18.96
N ARG C 293 7.13 10.48 19.99
CA ARG C 293 5.77 9.97 20.14
C ARG C 293 4.91 10.34 18.93
N ALA C 294 5.01 11.59 18.47
CA ALA C 294 4.23 12.02 17.31
C ALA C 294 4.65 11.26 16.05
N LEU C 295 5.96 11.13 15.83
CA LEU C 295 6.43 10.44 14.63
C LEU C 295 6.01 8.97 14.62
N ARG C 296 6.12 8.29 15.76
CA ARG C 296 5.70 6.90 15.82
C ARG C 296 4.21 6.74 15.58
N SER C 297 3.41 7.76 15.95
CA SER C 297 1.98 7.70 15.70
C SER C 297 1.64 7.78 14.21
N PHE C 298 2.57 8.26 13.39
CA PHE C 298 2.29 8.43 11.97
C PHE C 298 2.24 7.08 11.25
N ASP C 299 1.38 7.00 10.24
CA ASP C 299 1.35 5.83 9.39
C ASP C 299 2.56 5.82 8.45
N GLN C 300 2.69 4.73 7.69
CA GLN C 300 3.87 4.56 6.84
C GLN C 300 4.00 5.70 5.83
N ALA C 301 2.88 6.17 5.29
CA ALA C 301 2.94 7.22 4.28
C ALA C 301 3.47 8.52 4.85
N ASP C 302 2.99 8.93 6.03
CA ASP C 302 3.44 10.18 6.62
C ASP C 302 4.85 10.06 7.18
N ARG C 303 5.28 8.85 7.58
CA ARG C 303 6.67 8.65 7.95
C ARG C 303 7.59 8.89 6.77
N ALA C 304 7.19 8.42 5.59
CA ALA C 304 7.97 8.66 4.39
C ALA C 304 8.02 10.14 4.04
N LYS C 305 6.90 10.85 4.24
CA LYS C 305 6.89 12.30 4.01
C LYS C 305 7.81 13.02 4.98
N PHE C 306 7.97 12.50 6.21
CA PHE C 306 8.89 13.11 7.16
C PHE C 306 10.33 12.95 6.70
N LEU C 307 10.70 11.76 6.21
CA LEU C 307 12.04 11.54 5.70
C LEU C 307 12.34 12.47 4.53
N GLN C 308 11.37 12.67 3.65
CA GLN C 308 11.54 13.65 2.57
C GLN C 308 11.78 15.04 3.14
N PHE C 309 11.01 15.40 4.18
CA PHE C 309 11.06 16.76 4.72
C PHE C 309 12.47 17.13 5.17
N VAL C 310 13.13 16.23 5.91
CA VAL C 310 14.39 16.58 6.55
C VAL C 310 15.63 16.10 5.79
N THR C 311 15.50 15.12 4.89
CA THR C 311 16.65 14.62 4.14
C THR C 311 16.57 14.87 2.65
N GLY C 312 15.39 15.09 2.09
CA GLY C 312 15.23 15.30 0.67
C GLY C 312 14.66 14.11 -0.08
N THR C 313 14.77 12.90 0.47
CA THR C 313 14.30 11.70 -0.20
C THR C 313 13.50 10.83 0.77
N SER C 314 12.57 10.06 0.21
CA SER C 314 11.75 9.15 1.00
C SER C 314 12.41 7.82 1.26
N LYS C 315 13.64 7.62 0.78
CA LYS C 315 14.32 6.34 0.86
C LYS C 315 15.41 6.37 1.91
N VAL C 316 15.65 5.22 2.52
CA VAL C 316 16.67 5.04 3.55
C VAL C 316 17.93 4.48 2.91
N PRO C 317 19.10 5.04 3.17
CA PRO C 317 20.33 4.47 2.61
C PRO C 317 20.55 3.03 3.07
N LEU C 318 21.31 2.29 2.27
CA LEU C 318 21.44 0.85 2.47
C LEU C 318 22.09 0.51 3.81
N GLN C 319 22.94 1.41 4.33
CA GLN C 319 23.64 1.15 5.58
C GLN C 319 22.93 1.75 6.78
N GLY C 320 21.65 2.12 6.64
CA GLY C 320 20.87 2.61 7.76
C GLY C 320 21.13 4.06 8.07
N PHE C 321 20.45 4.53 9.13
CA PHE C 321 20.55 5.93 9.52
C PHE C 321 21.87 6.27 10.17
N ALA C 322 22.66 5.28 10.59
CA ALA C 322 23.97 5.57 11.15
C ALA C 322 24.94 6.14 10.11
N ALA C 323 24.65 5.96 8.83
CA ALA C 323 25.49 6.42 7.73
C ALA C 323 24.74 7.38 6.83
N LEU C 324 23.86 8.20 7.40
CA LEU C 324 23.15 9.20 6.63
C LEU C 324 24.14 10.24 6.09
N GLU C 325 24.07 10.49 4.79
CA GLU C 325 25.05 11.34 4.12
C GLU C 325 24.62 12.81 4.19
N GLY C 326 25.61 13.68 4.42
CA GLY C 326 25.36 15.10 4.48
C GLY C 326 26.10 15.86 3.40
N MET C 327 26.74 16.98 3.77
CA MET C 327 27.49 17.78 2.82
C MET C 327 28.78 17.08 2.42
N ASN C 328 29.76 17.08 3.32
CA ASN C 328 31.06 16.44 3.10
C ASN C 328 31.26 15.38 4.18
N GLY C 329 30.64 14.23 3.99
CA GLY C 329 30.77 13.10 4.89
C GLY C 329 29.45 12.72 5.52
N ILE C 330 29.55 11.92 6.57
CA ILE C 330 28.37 11.44 7.29
C ILE C 330 27.84 12.55 8.19
N GLN C 331 26.53 12.79 8.13
CA GLN C 331 25.87 13.74 9.02
C GLN C 331 24.56 13.10 9.47
N LYS C 332 24.51 12.69 10.73
CA LYS C 332 23.32 12.04 11.25
C LYS C 332 22.16 13.03 11.35
N PHE C 333 20.96 12.48 11.48
CA PHE C 333 19.76 13.28 11.68
C PHE C 333 19.88 14.10 12.95
N GLN C 334 19.79 15.42 12.83
CA GLN C 334 19.97 16.33 13.96
C GLN C 334 18.74 17.21 14.13
N ILE C 335 18.36 17.46 15.38
CA ILE C 335 17.22 18.29 15.71
C ILE C 335 17.72 19.50 16.48
N HIS C 336 17.34 20.69 16.03
CA HIS C 336 17.74 21.94 16.65
C HIS C 336 16.53 22.65 17.22
N ARG C 337 16.74 23.34 18.34
CA ARG C 337 15.69 24.13 18.96
C ARG C 337 15.54 25.44 18.19
N ASP C 338 14.34 25.68 17.65
CA ASP C 338 14.02 26.94 16.98
C ASP C 338 13.47 27.91 18.02
N ASP C 339 14.28 28.91 18.39
CA ASP C 339 13.95 29.81 19.47
C ASP C 339 13.21 31.06 19.01
N ARG C 340 12.85 31.15 17.73
CA ARG C 340 12.31 32.41 17.20
C ARG C 340 10.88 32.64 17.69
N SER C 341 10.00 31.66 17.50
CA SER C 341 8.63 31.80 17.96
C SER C 341 7.95 30.44 17.90
N THR C 342 7.18 30.12 18.96
CA THR C 342 6.45 28.85 19.03
C THR C 342 5.29 28.77 18.04
N ASP C 343 4.98 29.86 17.34
CA ASP C 343 3.88 29.84 16.38
C ASP C 343 4.33 29.51 14.97
N ARG C 344 5.62 29.24 14.76
CA ARG C 344 6.14 28.88 13.45
C ARG C 344 6.03 27.38 13.23
N LEU C 345 5.81 27.01 11.96
CA LEU C 345 5.91 25.61 11.58
C LEU C 345 7.37 25.17 11.62
N PRO C 346 7.63 23.88 11.82
CA PRO C 346 9.01 23.41 11.81
C PRO C 346 9.63 23.53 10.42
N SER C 347 10.95 23.71 10.40
CA SER C 347 11.70 23.89 9.16
C SER C 347 12.81 22.86 9.10
N ALA C 348 13.39 22.70 7.91
CA ALA C 348 14.41 21.69 7.69
C ALA C 348 15.47 22.20 6.72
N HIS C 349 16.68 21.67 6.87
CA HIS C 349 17.79 21.91 5.96
C HIS C 349 18.25 20.55 5.48
N THR C 350 17.75 20.12 4.32
CA THR C 350 17.92 18.73 3.88
C THR C 350 19.37 18.37 3.59
N CYS C 351 20.23 19.37 3.37
CA CYS C 351 21.63 19.07 3.12
C CYS C 351 22.35 18.63 4.40
N PHE C 352 21.90 19.09 5.56
CA PHE C 352 22.45 18.69 6.84
C PHE C 352 21.59 17.68 7.57
N ASN C 353 20.49 17.23 6.96
CA ASN C 353 19.55 16.31 7.60
C ASN C 353 19.08 16.87 8.94
N GLN C 354 18.91 18.19 8.99
CA GLN C 354 18.62 18.91 10.22
C GLN C 354 17.15 19.34 10.24
N LEU C 355 16.49 19.08 11.36
CA LEU C 355 15.13 19.55 11.61
C LEU C 355 15.19 20.67 12.64
N ASP C 356 14.54 21.80 12.33
CA ASP C 356 14.45 22.93 13.25
C ASP C 356 13.10 22.85 13.94
N LEU C 357 13.10 22.49 15.22
CA LEU C 357 11.87 22.22 15.96
C LEU C 357 11.64 23.30 17.00
N PRO C 358 10.60 24.13 16.88
CA PRO C 358 10.31 25.11 17.92
C PRO C 358 9.89 24.45 19.22
N ALA C 359 10.14 25.14 20.33
CA ALA C 359 9.79 24.65 21.66
C ALA C 359 8.29 24.81 21.87
N TYR C 360 7.53 23.90 21.25
CA TYR C 360 6.08 23.96 21.33
C TYR C 360 5.62 23.71 22.77
N GLU C 361 4.39 24.16 23.06
CA GLU C 361 3.87 24.18 24.43
C GLU C 361 2.92 23.03 24.72
N SER C 362 2.68 22.13 23.77
CA SER C 362 1.83 20.97 24.02
C SER C 362 2.12 19.91 22.97
N PHE C 363 1.84 18.66 23.33
CA PHE C 363 2.04 17.57 22.39
C PHE C 363 1.09 17.69 21.20
N GLU C 364 -0.17 18.04 21.47
CA GLU C 364 -1.15 18.16 20.38
C GLU C 364 -0.74 19.26 19.40
N LYS C 365 -0.16 20.35 19.91
CA LYS C 365 0.32 21.40 19.02
C LYS C 365 1.52 20.94 18.20
N LEU C 366 2.45 20.22 18.83
CA LEU C 366 3.63 19.74 18.12
C LEU C 366 3.25 18.73 17.04
N ARG C 367 2.37 17.78 17.37
CA ARG C 367 1.94 16.79 16.40
C ARG C 367 1.22 17.45 15.23
N HIS C 368 0.34 18.42 15.52
CA HIS C 368 -0.36 19.13 14.46
C HIS C 368 0.61 19.91 13.59
N MET C 369 1.53 20.65 14.23
CA MET C 369 2.48 21.46 13.47
C MET C 369 3.39 20.59 12.61
N LEU C 370 3.81 19.44 13.14
CA LEU C 370 4.71 18.57 12.40
C LEU C 370 4.00 17.90 11.23
N LEU C 371 2.79 17.38 11.47
CA LEU C 371 2.05 16.72 10.41
C LEU C 371 1.65 17.71 9.31
N LEU C 372 1.35 18.95 9.68
CA LEU C 372 1.00 19.97 8.69
C LEU C 372 2.19 20.31 7.80
N ALA C 373 3.39 20.39 8.40
CA ALA C 373 4.57 20.77 7.64
C ALA C 373 4.96 19.69 6.62
N ILE C 374 5.07 18.45 7.08
CA ILE C 374 5.53 17.39 6.19
C ILE C 374 4.50 17.03 5.14
N GLN C 375 3.23 17.35 5.37
CA GLN C 375 2.20 17.04 4.38
C GLN C 375 2.05 18.13 3.33
N GLU C 376 2.06 19.40 3.75
CA GLU C 376 1.84 20.50 2.83
C GLU C 376 3.14 21.10 2.31
N CYS C 377 4.28 20.49 2.65
CA CYS C 377 5.56 20.88 2.08
C CYS C 377 6.49 19.67 2.13
N SER C 378 6.02 18.53 1.61
CA SER C 378 6.88 17.37 1.49
C SER C 378 7.99 17.58 0.47
N GLU C 379 7.78 18.49 -0.48
CA GLU C 379 8.77 18.84 -1.47
C GLU C 379 8.76 20.35 -1.69
N GLY C 380 9.81 20.86 -2.33
CA GLY C 380 9.93 22.29 -2.56
C GLY C 380 10.89 22.95 -1.58
N PHE C 381 11.70 23.89 -2.06
CA PHE C 381 12.71 24.55 -1.23
C PHE C 381 12.46 26.06 -1.25
N GLY C 382 11.86 26.56 -0.17
CA GLY C 382 11.63 27.99 0.00
C GLY C 382 12.73 28.73 0.72
N LEU C 383 13.65 28.02 1.34
CA LEU C 383 14.80 28.62 2.02
C LEU C 383 16.07 28.32 1.24
N ALA C 384 17.17 28.91 1.69
CA ALA C 384 18.46 28.65 1.07
C ALA C 384 19.07 27.36 1.61
N MET D 1 -16.36 39.01 -1.65
CA MET D 1 -15.73 38.21 -2.69
C MET D 1 -14.99 37.01 -2.10
N GLN D 2 -15.17 35.85 -2.71
CA GLN D 2 -14.57 34.61 -2.25
C GLN D 2 -13.45 34.18 -3.19
N ILE D 3 -12.30 33.83 -2.62
CA ILE D 3 -11.19 33.26 -3.37
C ILE D 3 -10.82 31.93 -2.75
N PHE D 4 -10.04 31.15 -3.48
CA PHE D 4 -9.62 29.83 -3.05
C PHE D 4 -8.10 29.75 -3.02
N VAL D 5 -7.58 29.10 -1.98
CA VAL D 5 -6.14 28.91 -1.82
C VAL D 5 -5.88 27.41 -1.75
N LYS D 6 -5.26 26.86 -2.78
CA LYS D 6 -4.99 25.44 -2.86
C LYS D 6 -3.59 25.15 -2.32
N THR D 7 -3.49 24.15 -1.45
CA THR D 7 -2.22 23.76 -0.87
C THR D 7 -1.58 22.64 -1.69
N LEU D 8 -0.42 22.16 -1.22
CA LEU D 8 0.31 21.14 -1.96
C LEU D 8 -0.50 19.88 -2.14
N THR D 9 -1.18 19.42 -1.08
CA THR D 9 -1.98 18.21 -1.17
C THR D 9 -3.30 18.41 -1.89
N GLY D 10 -3.67 19.65 -2.21
CA GLY D 10 -4.92 19.93 -2.88
C GLY D 10 -6.03 20.42 -1.98
N LYS D 11 -5.75 20.53 -0.70
CA LYS D 11 -6.77 21.01 0.24
C LYS D 11 -7.10 22.43 -0.16
N THR D 12 -8.35 22.81 -0.03
CA THR D 12 -8.80 24.13 -0.50
C THR D 12 -9.22 24.99 0.68
N ILE D 13 -8.81 26.24 0.67
CA ILE D 13 -9.18 27.21 1.73
C ILE D 13 -9.96 28.31 1.04
N THR D 14 -11.17 28.58 1.50
CA THR D 14 -11.92 29.65 0.85
C THR D 14 -11.88 30.86 1.78
N LEU D 15 -11.52 32.02 1.27
CA LEU D 15 -11.48 33.21 2.14
C LEU D 15 -12.43 34.27 1.62
N GLU D 16 -12.85 35.14 2.51
CA GLU D 16 -13.68 36.29 2.16
C GLU D 16 -12.79 37.51 2.12
N VAL D 17 -12.50 38.00 0.91
CA VAL D 17 -11.61 39.13 0.71
C VAL D 17 -12.28 40.13 -0.23
N GLU D 18 -11.63 41.28 -0.40
CA GLU D 18 -12.03 42.30 -1.35
C GLU D 18 -10.81 42.77 -2.13
N PRO D 19 -11.00 43.19 -3.39
CA PRO D 19 -9.83 43.53 -4.23
C PRO D 19 -8.92 44.60 -3.64
N SER D 20 -9.37 45.34 -2.63
CA SER D 20 -8.51 46.31 -1.96
C SER D 20 -7.57 45.66 -0.96
N ASP D 21 -7.76 44.38 -0.65
CA ASP D 21 -6.92 43.71 0.34
C ASP D 21 -5.51 43.48 -0.23
N THR D 22 -4.51 43.79 0.58
CA THR D 22 -3.13 43.51 0.19
C THR D 22 -2.85 42.02 0.28
N ILE D 23 -1.72 41.61 -0.31
CA ILE D 23 -1.32 40.21 -0.26
C ILE D 23 -1.03 39.79 1.18
N GLU D 24 -0.39 40.68 1.95
CA GLU D 24 -0.15 40.38 3.36
C GLU D 24 -1.45 40.31 4.15
N ASN D 25 -2.48 41.05 3.72
CA ASN D 25 -3.79 40.91 4.36
C ASN D 25 -4.34 39.52 4.13
N VAL D 26 -4.17 38.97 2.93
CA VAL D 26 -4.65 37.63 2.64
C VAL D 26 -3.85 36.59 3.42
N LYS D 27 -2.54 36.80 3.55
CA LYS D 27 -1.72 35.90 4.36
C LYS D 27 -2.14 35.95 5.83
N ALA D 28 -2.61 37.11 6.30
CA ALA D 28 -3.13 37.18 7.66
C ALA D 28 -4.43 36.40 7.80
N LYS D 29 -5.28 36.45 6.78
CA LYS D 29 -6.51 35.67 6.81
C LYS D 29 -6.23 34.17 6.73
N ILE D 30 -5.12 33.78 6.09
CA ILE D 30 -4.73 32.39 6.07
C ILE D 30 -4.15 31.97 7.43
N GLN D 31 -3.45 32.88 8.11
CA GLN D 31 -2.93 32.57 9.44
C GLN D 31 -4.05 32.30 10.44
N ASP D 32 -5.19 32.97 10.27
CA ASP D 32 -6.31 32.76 11.19
C ASP D 32 -7.06 31.47 10.88
N LYS D 33 -7.04 31.02 9.63
CA LYS D 33 -7.79 29.84 9.22
C LYS D 33 -6.95 28.57 9.19
N GLU D 34 -5.62 28.68 9.28
CA GLU D 34 -4.74 27.52 9.21
C GLU D 34 -3.63 27.51 10.24
N GLY D 35 -3.27 28.66 10.82
CA GLY D 35 -2.23 28.68 11.84
C GLY D 35 -0.82 28.75 11.32
N ILE D 36 -0.62 29.30 10.12
CA ILE D 36 0.69 29.43 9.50
C ILE D 36 1.07 30.91 9.52
N PRO D 37 2.18 31.29 10.14
CA PRO D 37 2.58 32.69 10.13
C PRO D 37 2.91 33.16 8.72
N PRO D 38 2.64 34.42 8.40
CA PRO D 38 2.78 34.88 7.00
C PRO D 38 4.19 34.77 6.46
N ASP D 39 5.21 34.94 7.29
CA ASP D 39 6.58 34.87 6.78
C ASP D 39 6.96 33.48 6.29
N GLN D 40 6.19 32.45 6.65
CA GLN D 40 6.39 31.11 6.14
C GLN D 40 5.48 30.80 4.95
N GLN D 41 4.73 31.78 4.47
CA GLN D 41 3.78 31.59 3.38
C GLN D 41 4.32 32.19 2.09
N ARG D 42 3.96 31.56 0.97
CA ARG D 42 4.22 32.09 -0.36
C ARG D 42 3.00 31.84 -1.22
N LEU D 43 2.40 32.91 -1.73
CA LEU D 43 1.21 32.80 -2.56
C LEU D 43 1.60 32.95 -4.03
N ILE D 44 0.97 32.13 -4.88
CA ILE D 44 1.29 32.07 -6.30
C ILE D 44 -0.01 32.10 -7.09
N PHE D 45 -0.11 33.04 -8.03
CA PHE D 45 -1.24 33.14 -8.94
C PHE D 45 -0.75 33.34 -10.35
N ALA D 46 -1.38 32.64 -11.30
CA ALA D 46 -1.00 32.70 -12.71
C ALA D 46 0.48 32.37 -12.90
N GLY D 47 1.01 31.48 -12.08
CA GLY D 47 2.39 31.08 -12.18
C GLY D 47 3.41 32.08 -11.67
N LYS D 48 2.96 33.16 -11.03
CA LYS D 48 3.85 34.21 -10.55
C LYS D 48 3.68 34.38 -9.04
N GLN D 49 4.79 34.64 -8.37
CA GLN D 49 4.75 34.92 -6.93
C GLN D 49 4.17 36.30 -6.67
N LEU D 50 3.47 36.44 -5.56
CA LEU D 50 2.76 37.66 -5.22
C LEU D 50 3.54 38.43 -4.16
N GLU D 51 3.92 39.67 -4.50
CA GLU D 51 4.63 40.51 -3.55
C GLU D 51 3.69 41.01 -2.46
N ASP D 52 4.26 41.32 -1.29
CA ASP D 52 3.45 41.61 -0.11
C ASP D 52 2.72 42.93 -0.24
N GLY D 53 3.39 43.96 -0.78
CA GLY D 53 2.79 45.29 -0.83
C GLY D 53 1.68 45.45 -1.84
N ARG D 54 1.60 44.56 -2.83
CA ARG D 54 0.58 44.68 -3.85
C ARG D 54 -0.78 44.21 -3.32
N THR D 55 -1.82 44.61 -4.02
CA THR D 55 -3.18 44.20 -3.72
C THR D 55 -3.61 43.09 -4.68
N LEU D 56 -4.82 42.58 -4.48
CA LEU D 56 -5.34 41.54 -5.37
C LEU D 56 -5.64 42.10 -6.75
N SER D 57 -6.14 43.34 -6.82
CA SER D 57 -6.44 43.94 -8.11
C SER D 57 -5.16 44.18 -8.92
N ASP D 58 -4.04 44.41 -8.24
CA ASP D 58 -2.77 44.62 -8.96
C ASP D 58 -2.36 43.38 -9.73
N TYR D 59 -2.74 42.19 -9.26
CA TYR D 59 -2.47 40.95 -9.96
C TYR D 59 -3.68 40.44 -10.74
N ASN D 60 -4.75 41.24 -10.83
CA ASN D 60 -5.95 40.89 -11.57
C ASN D 60 -6.57 39.60 -11.05
N ILE D 61 -6.72 39.52 -9.73
CA ILE D 61 -7.34 38.38 -9.08
C ILE D 61 -8.82 38.68 -8.89
N GLN D 62 -9.66 38.01 -9.67
CA GLN D 62 -11.09 38.29 -9.69
C GLN D 62 -11.80 37.45 -8.63
N LYS D 63 -13.13 37.33 -8.74
CA LYS D 63 -13.89 36.51 -7.82
C LYS D 63 -13.78 35.04 -8.20
N GLU D 64 -13.88 34.17 -7.19
CA GLU D 64 -13.79 32.72 -7.35
C GLU D 64 -12.47 32.28 -7.95
N SER D 65 -11.43 33.12 -7.87
CA SER D 65 -10.12 32.77 -8.37
C SER D 65 -9.39 31.88 -7.37
N THR D 66 -8.38 31.16 -7.88
CA THR D 66 -7.64 30.19 -7.09
C THR D 66 -6.18 30.60 -7.02
N LEU D 67 -5.68 30.76 -5.80
CA LEU D 67 -4.25 30.93 -5.56
C LEU D 67 -3.65 29.60 -5.12
N HIS D 68 -2.32 29.57 -5.08
CA HIS D 68 -1.57 28.40 -4.65
C HIS D 68 -0.70 28.77 -3.46
N LEU D 69 -0.83 28.01 -2.38
CA LEU D 69 -0.05 28.23 -1.16
C LEU D 69 1.10 27.23 -1.12
N VAL D 70 2.33 27.75 -1.09
CA VAL D 70 3.51 26.92 -0.87
C VAL D 70 4.24 27.49 0.35
N LEU D 71 4.78 26.59 1.17
CA LEU D 71 5.39 26.95 2.43
C LEU D 71 6.90 27.08 2.27
N ARG D 72 7.47 28.09 2.93
CA ARG D 72 8.91 28.30 2.92
C ARG D 72 9.52 27.67 4.17
N LEU D 73 9.56 26.34 4.16
CA LEU D 73 10.01 25.57 5.31
C LEU D 73 11.31 24.82 5.09
N ARG D 74 11.65 24.46 3.86
CA ARG D 74 12.80 23.62 3.59
C ARG D 74 13.87 24.39 2.83
N GLY D 75 15.13 24.16 3.22
CA GLY D 75 16.25 24.77 2.54
C GLY D 75 17.32 23.73 2.22
P PO4 E . -21.33 11.82 -17.03
O1 PO4 E . -22.52 10.95 -16.73
O2 PO4 E . -20.19 10.96 -17.52
O3 PO4 E . -20.91 12.55 -15.78
O4 PO4 E . -21.70 12.82 -18.10
P PO4 F . 11.95 3.81 23.26
O1 PO4 F . 12.80 2.58 23.45
O2 PO4 F . 10.52 3.39 22.97
O3 PO4 F . 11.98 4.66 24.52
O4 PO4 F . 12.49 4.61 22.11
C2 AYE G . -13.74 -15.55 24.25
C3 AYE G . -13.01 -15.21 25.28
C1 AYE G . -13.10 -16.18 23.02
N1 AYE G . -11.93 -16.93 23.43
P PO4 H . 19.89 11.03 -28.49
O1 PO4 H . 18.95 9.95 -28.97
O2 PO4 H . 21.28 10.77 -29.03
O3 PO4 H . 19.95 11.03 -26.98
O4 PO4 H . 19.41 12.38 -28.98
P PO4 I . 10.77 -21.53 -20.17
O1 PO4 I . 11.25 -22.94 -20.49
O2 PO4 I . 9.36 -21.35 -20.69
O3 PO4 I . 10.78 -21.31 -18.68
O4 PO4 I . 11.68 -20.53 -20.84
C2 AYE J . 20.44 22.14 1.81
C3 AYE J . 20.49 22.58 3.05
C1 AYE J . 19.61 22.86 0.77
N1 AYE J . 18.32 23.22 1.34
P PO4 K . 11.33 32.56 7.37
O1 PO4 K . 12.04 31.26 7.05
O2 PO4 K . 9.84 32.31 7.43
O3 PO4 K . 11.82 33.08 8.70
O4 PO4 K . 11.64 33.57 6.28
#